data_6SZC
#
_entry.id   6SZC
#
_entity_poly.entity_id   1
_entity_poly.type   'polypeptide(L)'
_entity_poly.pdbx_seq_one_letter_code
;MAHHHHHHSSGLEVLFQGPTGTGATSTGPQGLPQTGTPTFQGGDPLVPIDETVEPTFEDGSKEKTIPGQGTYTIVPDGTV
TFTPDKQFVGKPDPVTVKRVDKNGTPVTATYSPEFTKV
;
_entity_poly.pdbx_strand_id   A
#
# COMPACT_ATOMS: atom_id res chain seq x y z
N GLN A 41 -7.17 -1.93 8.39
CA GLN A 41 -6.19 -2.23 7.32
C GLN A 41 -6.44 -1.34 6.11
N GLY A 42 -5.41 -1.14 5.29
CA GLY A 42 -5.55 -0.33 4.09
C GLY A 42 -5.66 1.15 4.41
N GLY A 43 -6.83 1.55 4.86
CA GLY A 43 -7.07 2.94 5.21
C GLY A 43 -8.24 3.07 6.14
N ASP A 44 -7.98 2.88 7.43
CA ASP A 44 -9.02 2.94 8.45
C ASP A 44 -9.65 4.32 8.53
N PRO A 45 -10.97 4.38 8.33
CA PRO A 45 -11.73 5.65 8.36
C PRO A 45 -11.83 6.23 9.77
N LEU A 46 -12.04 5.35 10.74
CA LEU A 46 -12.21 5.78 12.13
C LEU A 46 -10.88 6.02 12.81
N VAL A 47 -9.80 5.77 12.08
CA VAL A 47 -8.46 5.99 12.58
C VAL A 47 -7.62 6.65 11.50
N PRO A 48 -7.70 7.99 11.40
CA PRO A 48 -6.97 8.75 10.40
C PRO A 48 -5.47 8.48 10.46
N ILE A 49 -4.88 8.19 9.32
CA ILE A 49 -3.45 7.92 9.24
C ILE A 49 -2.68 9.19 9.62
N ASP A 50 -1.58 9.01 10.34
CA ASP A 50 -0.80 10.14 10.83
C ASP A 50 0.09 10.69 9.73
N GLU A 51 0.01 11.99 9.51
CA GLU A 51 0.68 12.61 8.37
C GLU A 51 2.08 13.08 8.74
N THR A 52 2.51 12.85 9.97
CA THR A 52 3.84 13.26 10.40
C THR A 52 4.74 12.05 10.63
N VAL A 53 4.16 10.86 10.50
CA VAL A 53 4.92 9.62 10.65
C VAL A 53 5.44 9.16 9.31
N GLU A 54 6.05 7.98 9.25
CA GLU A 54 6.57 7.45 8.00
C GLU A 54 5.51 6.61 7.28
N PRO A 55 5.02 7.12 6.15
CA PRO A 55 4.23 6.36 5.21
C PRO A 55 5.08 5.89 4.02
N THR A 56 5.37 4.61 3.95
CA THR A 56 6.24 4.08 2.91
C THR A 56 5.84 2.67 2.51
N PHE A 57 6.61 2.07 1.62
CA PHE A 57 6.50 0.64 1.39
C PHE A 57 7.66 -0.02 2.13
N GLU A 58 7.53 -1.29 2.48
CA GLU A 58 8.48 -1.93 3.38
C GLU A 58 9.94 -1.76 2.90
N ASP A 59 10.14 -1.78 1.58
CA ASP A 59 11.47 -1.63 0.99
C ASP A 59 11.96 -0.19 1.08
N GLY A 60 11.10 0.70 1.54
CA GLY A 60 11.43 2.11 1.61
C GLY A 60 11.01 2.84 0.35
N SER A 61 10.17 2.19 -0.44
CA SER A 61 9.78 2.73 -1.74
C SER A 61 8.59 3.69 -1.60
N LYS A 62 8.37 4.52 -2.62
CA LYS A 62 7.34 5.55 -2.57
C LYS A 62 6.24 5.31 -3.60
N GLU A 63 6.55 4.59 -4.67
CA GLU A 63 5.55 4.19 -5.65
C GLU A 63 5.97 2.89 -6.32
N LYS A 64 5.00 2.00 -6.48
CA LYS A 64 5.22 0.76 -7.18
C LYS A 64 4.12 0.54 -8.20
N THR A 65 4.43 0.85 -9.45
CA THR A 65 3.48 0.62 -10.53
C THR A 65 3.88 -0.62 -11.32
N ILE A 66 3.07 -1.64 -11.22
CA ILE A 66 3.25 -2.82 -12.04
C ILE A 66 2.04 -2.93 -12.97
N PRO A 67 2.28 -2.98 -14.29
CA PRO A 67 1.22 -3.01 -15.30
C PRO A 67 0.13 -4.03 -14.98
N GLY A 68 -1.04 -3.53 -14.60
CA GLY A 68 -2.16 -4.39 -14.31
C GLY A 68 -2.37 -4.59 -12.81
N GLN A 69 -1.34 -4.31 -12.02
CA GLN A 69 -1.36 -4.60 -10.59
C GLN A 69 -1.91 -3.41 -9.81
N GLY A 70 -1.68 -2.22 -10.35
CA GLY A 70 -2.12 -1.02 -9.68
C GLY A 70 -0.96 -0.13 -9.31
N THR A 71 -1.23 0.94 -8.60
CA THR A 71 -0.18 1.84 -8.12
C THR A 71 -0.41 2.18 -6.66
N TYR A 72 0.65 2.10 -5.89
CA TYR A 72 0.63 2.56 -4.53
C TYR A 72 1.48 3.82 -4.48
N THR A 73 0.88 4.93 -4.07
CA THR A 73 1.56 6.21 -4.15
C THR A 73 1.54 6.97 -2.83
N ILE A 74 2.72 7.28 -2.32
CA ILE A 74 2.84 8.11 -1.14
C ILE A 74 3.54 9.41 -1.48
N VAL A 75 2.99 10.52 -0.98
CA VAL A 75 3.63 11.81 -1.12
C VAL A 75 3.97 12.37 0.25
N PRO A 76 5.04 13.18 0.35
CA PRO A 76 5.59 13.68 1.63
C PRO A 76 4.58 14.44 2.51
N ASP A 77 3.38 14.65 2.00
CA ASP A 77 2.32 15.30 2.78
C ASP A 77 1.80 14.36 3.85
N GLY A 78 2.24 13.11 3.80
CA GLY A 78 1.83 12.14 4.80
C GLY A 78 0.60 11.38 4.38
N THR A 79 0.29 11.45 3.09
CA THR A 79 -0.88 10.77 2.55
C THR A 79 -0.47 9.73 1.52
N VAL A 80 -1.13 8.57 1.56
CA VAL A 80 -0.79 7.47 0.66
C VAL A 80 -2.05 6.91 0.02
N THR A 81 -1.95 6.57 -1.25
CA THR A 81 -3.04 5.92 -1.95
C THR A 81 -2.76 4.43 -2.08
N PHE A 82 -3.51 3.62 -1.34
CA PHE A 82 -3.44 2.17 -1.48
C PHE A 82 -4.39 1.76 -2.58
N THR A 83 -3.88 1.59 -3.79
CA THR A 83 -4.73 1.21 -4.91
C THR A 83 -4.28 -0.13 -5.48
N PRO A 84 -4.81 -1.22 -4.93
CA PRO A 84 -4.53 -2.57 -5.41
C PRO A 84 -5.54 -3.02 -6.47
N ASP A 85 -5.22 -4.08 -7.19
CA ASP A 85 -6.12 -4.60 -8.19
C ASP A 85 -6.27 -6.10 -8.02
N LYS A 86 -7.35 -6.52 -7.40
CA LYS A 86 -7.60 -7.94 -7.17
C LYS A 86 -8.20 -8.60 -8.40
N GLN A 87 -8.12 -7.91 -9.53
CA GLN A 87 -8.63 -8.45 -10.79
C GLN A 87 -7.45 -8.78 -11.71
N PHE A 88 -6.25 -8.65 -11.18
CA PHE A 88 -5.04 -8.91 -11.94
C PHE A 88 -4.63 -10.37 -11.83
N VAL A 89 -5.09 -11.17 -12.78
CA VAL A 89 -4.66 -12.56 -12.85
C VAL A 89 -3.34 -12.65 -13.59
N GLY A 90 -2.29 -12.94 -12.85
CA GLY A 90 -0.96 -13.01 -13.43
C GLY A 90 0.10 -13.11 -12.35
N LYS A 91 1.14 -12.31 -12.48
CA LYS A 91 2.22 -12.32 -11.51
C LYS A 91 2.51 -10.92 -11.01
N PRO A 92 1.98 -10.56 -9.84
CA PRO A 92 2.29 -9.28 -9.20
C PRO A 92 3.69 -9.27 -8.60
N ASP A 93 4.26 -8.08 -8.46
CA ASP A 93 5.60 -7.92 -7.91
C ASP A 93 5.54 -7.91 -6.40
N PRO A 94 6.34 -8.78 -5.74
CA PRO A 94 6.40 -8.87 -4.28
C PRO A 94 6.75 -7.53 -3.62
N VAL A 95 5.74 -6.88 -3.07
CA VAL A 95 5.93 -5.62 -2.36
C VAL A 95 4.93 -5.48 -1.22
N THR A 96 5.39 -5.00 -0.09
CA THR A 96 4.53 -4.75 1.05
C THR A 96 4.43 -3.25 1.32
N VAL A 97 3.22 -2.75 1.33
CA VAL A 97 2.96 -1.34 1.58
C VAL A 97 2.76 -1.13 3.08
N LYS A 98 3.42 -0.14 3.68
CA LYS A 98 3.37 0.00 5.14
C LYS A 98 3.36 1.46 5.59
N ARG A 99 2.23 1.92 6.08
CA ARG A 99 2.14 3.24 6.72
C ARG A 99 1.46 3.09 8.07
N VAL A 100 1.94 3.81 9.07
CA VAL A 100 1.34 3.69 10.40
C VAL A 100 0.37 4.84 10.66
N ASP A 101 -0.74 4.53 11.35
CA ASP A 101 -1.76 5.52 11.63
C ASP A 101 -1.44 6.32 12.90
N LYS A 102 -2.41 7.11 13.36
CA LYS A 102 -2.23 7.93 14.55
C LYS A 102 -1.87 7.09 15.77
N ASN A 103 -2.45 5.91 15.87
CA ASN A 103 -2.17 5.02 17.00
C ASN A 103 -0.86 4.29 16.77
N GLY A 104 -0.56 4.06 15.51
CA GLY A 104 0.69 3.44 15.13
C GLY A 104 0.50 2.07 14.54
N THR A 105 -0.70 1.80 14.03
CA THR A 105 -0.98 0.53 13.39
C THR A 105 -0.60 0.60 11.91
N PRO A 106 0.31 -0.29 11.47
CA PRO A 106 0.72 -0.36 10.07
C PRO A 106 -0.35 -0.96 9.17
N VAL A 107 -1.07 -0.10 8.45
CA VAL A 107 -1.99 -0.56 7.43
C VAL A 107 -1.19 -1.01 6.23
N THR A 108 -1.23 -2.30 5.96
CA THR A 108 -0.34 -2.89 4.98
C THR A 108 -1.09 -3.55 3.83
N ALA A 109 -0.42 -3.63 2.71
CA ALA A 109 -0.85 -4.44 1.60
C ALA A 109 0.32 -5.30 1.15
N THR A 110 0.10 -6.60 1.06
CA THR A 110 1.19 -7.51 0.76
C THR A 110 0.94 -8.20 -0.57
N TYR A 111 1.66 -7.77 -1.58
CA TYR A 111 1.52 -8.33 -2.91
C TYR A 111 2.60 -9.36 -3.18
N SER A 112 2.17 -10.51 -3.68
CA SER A 112 3.05 -11.63 -3.97
C SER A 112 2.39 -12.51 -5.02
N PRO A 113 3.14 -13.43 -5.67
CA PRO A 113 2.62 -14.30 -6.75
C PRO A 113 1.42 -15.16 -6.33
N GLU A 114 1.08 -15.13 -5.06
CA GLU A 114 -0.11 -15.82 -4.56
C GLU A 114 -1.34 -14.97 -4.82
N PHE A 115 -1.17 -13.66 -4.69
CA PHE A 115 -2.28 -12.71 -4.80
C PHE A 115 -2.51 -12.33 -6.26
N THR A 116 -2.99 -13.28 -7.04
CA THR A 116 -3.27 -13.05 -8.45
C THR A 116 -4.75 -13.25 -8.74
N LYS A 117 -5.17 -14.50 -8.91
CA LYS A 117 -6.55 -14.82 -9.21
C LYS A 117 -7.35 -14.99 -7.93
N VAL A 118 -7.25 -13.99 -7.08
CA VAL A 118 -7.90 -14.02 -5.78
C VAL A 118 -9.01 -12.97 -5.72
N GLN A 41 -7.34 -3.38 5.21
CA GLN A 41 -8.15 -2.81 4.11
C GLN A 41 -7.33 -1.78 3.33
N GLY A 42 -6.01 -1.86 3.46
CA GLY A 42 -5.15 -0.87 2.84
C GLY A 42 -5.38 0.51 3.42
N GLY A 43 -5.59 0.56 4.74
CA GLY A 43 -5.92 1.79 5.40
C GLY A 43 -7.18 1.66 6.23
N ASP A 44 -7.07 1.95 7.51
CA ASP A 44 -8.21 1.83 8.42
C ASP A 44 -9.01 3.12 8.43
N PRO A 45 -10.27 3.07 8.00
CA PRO A 45 -11.14 4.26 7.94
C PRO A 45 -11.61 4.69 9.32
N LEU A 46 -11.57 3.75 10.27
CA LEU A 46 -12.00 4.02 11.63
C LEU A 46 -10.94 4.82 12.37
N VAL A 47 -9.72 4.82 11.84
CA VAL A 47 -8.64 5.59 12.43
C VAL A 47 -7.89 6.33 11.33
N PRO A 48 -8.21 7.62 11.14
CA PRO A 48 -7.52 8.43 10.13
C PRO A 48 -6.01 8.44 10.33
N ILE A 49 -5.31 7.94 9.32
CA ILE A 49 -3.85 7.87 9.33
C ILE A 49 -3.23 9.22 9.64
N ASP A 50 -2.20 9.22 10.50
CA ASP A 50 -1.50 10.45 10.85
C ASP A 50 -0.65 10.92 9.68
N GLU A 51 -0.77 12.20 9.36
CA GLU A 51 -0.15 12.75 8.17
C GLU A 51 1.30 13.18 8.43
N THR A 52 1.74 13.12 9.68
CA THR A 52 3.08 13.56 10.03
C THR A 52 3.97 12.39 10.43
N VAL A 53 3.46 11.17 10.34
CA VAL A 53 4.27 9.98 10.57
C VAL A 53 4.89 9.52 9.26
N GLU A 54 5.62 8.41 9.29
CA GLU A 54 6.27 7.91 8.10
C GLU A 54 5.41 6.88 7.37
N PRO A 55 4.99 7.20 6.15
CA PRO A 55 4.40 6.26 5.23
C PRO A 55 5.42 5.77 4.19
N THR A 56 5.85 4.53 4.31
CA THR A 56 6.84 3.96 3.40
C THR A 56 6.53 2.51 3.12
N PHE A 57 6.81 2.07 1.90
CA PHE A 57 6.60 0.68 1.56
C PHE A 57 7.65 -0.14 2.28
N GLU A 58 7.37 -1.42 2.50
CA GLU A 58 8.20 -2.26 3.36
C GLU A 58 9.67 -2.18 2.97
N ASP A 59 9.94 -2.15 1.68
CA ASP A 59 11.31 -2.13 1.17
C ASP A 59 11.82 -0.70 0.99
N GLY A 60 11.16 0.25 1.64
CA GLY A 60 11.58 1.64 1.56
C GLY A 60 11.20 2.29 0.25
N SER A 61 10.11 1.82 -0.35
CA SER A 61 9.68 2.33 -1.65
C SER A 61 8.63 3.44 -1.48
N LYS A 62 8.44 4.22 -2.53
CA LYS A 62 7.50 5.35 -2.50
C LYS A 62 6.41 5.22 -3.56
N GLU A 63 6.70 4.49 -4.63
CA GLU A 63 5.73 4.22 -5.68
C GLU A 63 6.12 2.99 -6.47
N LYS A 64 5.21 2.04 -6.53
CA LYS A 64 5.39 0.84 -7.33
C LYS A 64 4.25 0.70 -8.31
N THR A 65 4.50 1.05 -9.56
CA THR A 65 3.52 0.86 -10.59
C THR A 65 3.78 -0.43 -11.34
N ILE A 66 2.86 -1.36 -11.18
CA ILE A 66 2.86 -2.56 -11.97
C ILE A 66 1.59 -2.56 -12.81
N PRO A 67 1.73 -2.35 -14.12
CA PRO A 67 0.59 -2.18 -15.03
C PRO A 67 -0.49 -3.25 -14.87
N GLY A 68 -1.67 -2.83 -14.43
CA GLY A 68 -2.77 -3.76 -14.26
C GLY A 68 -2.80 -4.36 -12.87
N GLN A 69 -1.76 -4.11 -12.09
CA GLN A 69 -1.63 -4.69 -10.76
C GLN A 69 -1.85 -3.62 -9.71
N GLY A 70 -1.49 -2.39 -10.05
CA GLY A 70 -1.80 -1.27 -9.19
C GLY A 70 -0.63 -0.31 -9.05
N THR A 71 -0.91 0.81 -8.40
CA THR A 71 0.13 1.76 -8.05
C THR A 71 -0.13 2.28 -6.65
N TYR A 72 0.90 2.20 -5.83
CA TYR A 72 0.83 2.75 -4.50
C TYR A 72 1.71 3.98 -4.47
N THR A 73 1.15 5.10 -4.04
CA THR A 73 1.88 6.36 -4.08
C THR A 73 1.87 7.07 -2.74
N ILE A 74 3.04 7.46 -2.28
CA ILE A 74 3.18 8.25 -1.07
C ILE A 74 3.96 9.52 -1.34
N VAL A 75 3.43 10.64 -0.88
CA VAL A 75 4.16 11.88 -0.87
C VAL A 75 4.17 12.46 0.55
N PRO A 76 5.30 13.07 0.94
CA PRO A 76 5.55 13.50 2.33
C PRO A 76 4.58 14.56 2.85
N ASP A 77 3.63 14.96 2.02
CA ASP A 77 2.62 15.93 2.42
C ASP A 77 1.62 15.27 3.37
N GLY A 78 1.70 13.95 3.47
CA GLY A 78 0.85 13.21 4.39
C GLY A 78 -0.25 12.48 3.68
N THR A 79 -0.22 12.48 2.36
CA THR A 79 -1.24 11.82 1.58
C THR A 79 -0.66 10.60 0.86
N VAL A 80 -1.31 9.47 1.04
CA VAL A 80 -0.84 8.20 0.50
C VAL A 80 -2.00 7.44 -0.10
N THR A 81 -1.78 6.84 -1.25
CA THR A 81 -2.82 6.12 -1.95
C THR A 81 -2.44 4.65 -2.14
N PHE A 82 -3.13 3.77 -1.41
CA PHE A 82 -2.95 2.33 -1.58
C PHE A 82 -3.92 1.82 -2.64
N THR A 83 -3.44 1.64 -3.87
CA THR A 83 -4.30 1.18 -4.95
C THR A 83 -3.91 -0.21 -5.44
N PRO A 84 -4.48 -1.26 -4.84
CA PRO A 84 -4.26 -2.63 -5.27
C PRO A 84 -5.32 -3.11 -6.27
N ASP A 85 -4.89 -3.47 -7.47
CA ASP A 85 -5.78 -4.08 -8.46
C ASP A 85 -5.79 -5.59 -8.29
N LYS A 86 -6.62 -6.06 -7.37
CA LYS A 86 -6.62 -7.46 -6.96
C LYS A 86 -7.27 -8.37 -8.01
N GLN A 87 -7.77 -7.77 -9.08
CA GLN A 87 -8.36 -8.53 -10.16
C GLN A 87 -7.28 -8.99 -11.15
N PHE A 88 -6.04 -8.59 -10.86
CA PHE A 88 -4.90 -8.96 -11.70
C PHE A 88 -4.40 -10.36 -11.33
N VAL A 89 -5.01 -11.36 -11.91
CA VAL A 89 -4.60 -12.73 -11.66
C VAL A 89 -3.58 -13.18 -12.70
N GLY A 90 -2.31 -13.14 -12.31
CA GLY A 90 -1.25 -13.54 -13.21
C GLY A 90 0.07 -13.66 -12.48
N LYS A 91 0.92 -12.65 -12.63
CA LYS A 91 2.17 -12.59 -11.90
C LYS A 91 2.36 -11.21 -11.28
N PRO A 92 1.60 -10.90 -10.22
CA PRO A 92 1.73 -9.64 -9.49
C PRO A 92 3.07 -9.55 -8.79
N ASP A 93 3.79 -8.46 -9.03
CA ASP A 93 5.09 -8.24 -8.43
C ASP A 93 4.99 -8.22 -6.91
N PRO A 94 5.73 -9.10 -6.22
CA PRO A 94 5.76 -9.17 -4.76
C PRO A 94 6.19 -7.87 -4.12
N VAL A 95 5.32 -7.30 -3.30
CA VAL A 95 5.58 -6.02 -2.67
C VAL A 95 4.74 -5.90 -1.40
N THR A 96 5.12 -4.99 -0.53
CA THR A 96 4.35 -4.73 0.68
C THR A 96 4.34 -3.24 0.98
N VAL A 97 3.15 -2.67 1.01
CA VAL A 97 3.00 -1.24 1.27
C VAL A 97 2.78 -1.05 2.77
N LYS A 98 3.29 0.04 3.35
CA LYS A 98 3.22 0.23 4.79
C LYS A 98 3.10 1.72 5.15
N ARG A 99 2.31 2.00 6.19
CA ARG A 99 2.32 3.31 6.84
C ARG A 99 1.57 3.20 8.15
N VAL A 100 1.99 3.94 9.15
CA VAL A 100 1.40 3.82 10.48
C VAL A 100 0.36 4.91 10.72
N ASP A 101 -0.65 4.59 11.52
CA ASP A 101 -1.68 5.56 11.86
C ASP A 101 -1.29 6.31 13.13
N LYS A 102 -2.23 7.06 13.69
CA LYS A 102 -1.98 7.80 14.92
C LYS A 102 -1.60 6.86 16.06
N ASN A 103 -2.26 5.71 16.11
CA ASN A 103 -1.95 4.71 17.14
C ASN A 103 -0.60 4.04 16.86
N GLY A 104 -0.24 3.96 15.59
CA GLY A 104 1.03 3.37 15.22
C GLY A 104 0.86 2.04 14.52
N THR A 105 -0.36 1.74 14.12
CA THR A 105 -0.67 0.50 13.44
C THR A 105 -0.28 0.60 11.97
N PRO A 106 0.60 -0.30 11.50
CA PRO A 106 1.02 -0.31 10.10
C PRO A 106 -0.07 -0.87 9.17
N VAL A 107 -0.74 0.02 8.45
CA VAL A 107 -1.65 -0.40 7.41
C VAL A 107 -0.84 -0.87 6.22
N THR A 108 -0.99 -2.14 5.89
CA THR A 108 -0.14 -2.75 4.90
C THR A 108 -0.95 -3.49 3.85
N ALA A 109 -0.29 -3.78 2.74
CA ALA A 109 -0.85 -4.66 1.74
C ALA A 109 0.20 -5.70 1.37
N THR A 110 -0.17 -6.96 1.45
CA THR A 110 0.77 -8.03 1.19
C THR A 110 0.58 -8.57 -0.22
N TYR A 111 1.45 -8.15 -1.13
CA TYR A 111 1.33 -8.55 -2.52
C TYR A 111 2.25 -9.71 -2.82
N SER A 112 1.64 -10.84 -3.14
CA SER A 112 2.37 -12.05 -3.48
C SER A 112 1.88 -12.59 -4.82
N PRO A 113 2.69 -13.41 -5.51
CA PRO A 113 2.34 -13.95 -6.84
C PRO A 113 0.91 -14.47 -6.95
N GLU A 114 0.48 -15.24 -5.95
CA GLU A 114 -0.85 -15.85 -5.99
C GLU A 114 -1.79 -15.19 -4.99
N PHE A 115 -1.55 -13.92 -4.69
CA PHE A 115 -2.38 -13.19 -3.75
C PHE A 115 -3.69 -12.74 -4.38
N THR A 116 -3.58 -12.16 -5.56
CA THR A 116 -4.72 -11.56 -6.22
C THR A 116 -5.47 -12.56 -7.09
N LYS A 117 -6.66 -12.92 -6.62
CA LYS A 117 -7.52 -13.89 -7.29
C LYS A 117 -8.82 -14.05 -6.53
N VAL A 118 -9.32 -12.93 -6.05
CA VAL A 118 -10.51 -12.92 -5.22
C VAL A 118 -11.51 -11.86 -5.71
N GLN A 41 -9.61 6.59 3.84
CA GLN A 41 -8.62 7.05 2.84
C GLN A 41 -7.20 6.88 3.37
N GLY A 42 -6.50 5.88 2.85
CA GLY A 42 -5.13 5.66 3.27
C GLY A 42 -5.00 4.53 4.27
N GLY A 43 -6.13 4.11 4.83
CA GLY A 43 -6.11 3.03 5.79
C GLY A 43 -7.33 3.01 6.68
N ASP A 44 -7.15 3.37 7.94
CA ASP A 44 -8.21 3.20 8.94
C ASP A 44 -9.20 4.36 8.92
N PRO A 45 -10.50 4.05 8.82
CA PRO A 45 -11.54 5.07 8.83
C PRO A 45 -11.82 5.59 10.25
N LEU A 46 -11.47 4.80 11.26
CA LEU A 46 -11.70 5.19 12.64
C LEU A 46 -10.41 5.69 13.27
N VAL A 47 -9.30 5.51 12.57
CA VAL A 47 -8.02 6.02 13.01
C VAL A 47 -7.42 6.83 11.88
N PRO A 48 -7.81 8.10 11.78
CA PRO A 48 -7.31 9.01 10.76
C PRO A 48 -5.81 8.83 10.51
N ILE A 49 -5.49 8.44 9.28
CA ILE A 49 -4.11 8.25 8.88
C ILE A 49 -3.28 9.50 9.14
N ASP A 50 -2.31 9.36 10.03
CA ASP A 50 -1.52 10.49 10.50
C ASP A 50 -0.54 10.96 9.42
N GLU A 51 -0.60 12.23 9.08
CA GLU A 51 0.18 12.76 7.99
C GLU A 51 1.59 13.18 8.44
N THR A 52 1.87 13.07 9.73
CA THR A 52 3.17 13.48 10.24
C THR A 52 4.07 12.29 10.58
N VAL A 53 3.52 11.09 10.49
CA VAL A 53 4.29 9.87 10.70
C VAL A 53 4.77 9.31 9.37
N GLU A 54 5.75 8.42 9.41
CA GLU A 54 6.40 7.90 8.20
C GLU A 54 5.49 6.94 7.43
N PRO A 55 5.07 7.33 6.22
CA PRO A 55 4.41 6.46 5.28
C PRO A 55 5.36 6.00 4.17
N THR A 56 5.73 4.73 4.18
CA THR A 56 6.64 4.21 3.18
C THR A 56 6.21 2.82 2.71
N PHE A 57 6.99 2.25 1.82
CA PHE A 57 6.84 0.85 1.46
C PHE A 57 7.92 0.08 2.17
N GLU A 58 7.70 -1.20 2.47
CA GLU A 58 8.59 -1.97 3.33
C GLU A 58 10.04 -1.89 2.84
N ASP A 59 10.22 -1.92 1.53
CA ASP A 59 11.54 -1.91 0.92
C ASP A 59 12.13 -0.50 0.88
N GLY A 60 11.35 0.48 1.32
CA GLY A 60 11.79 1.86 1.28
C GLY A 60 11.38 2.54 0.00
N SER A 61 10.27 2.12 -0.57
CA SER A 61 9.79 2.66 -1.83
C SER A 61 8.71 3.72 -1.59
N LYS A 62 8.35 4.45 -2.65
CA LYS A 62 7.35 5.50 -2.54
C LYS A 62 6.26 5.34 -3.60
N GLU A 63 6.55 4.53 -4.62
CA GLU A 63 5.55 4.17 -5.63
C GLU A 63 5.95 2.86 -6.29
N LYS A 64 5.08 1.88 -6.18
CA LYS A 64 5.26 0.65 -6.90
C LYS A 64 4.14 0.49 -7.91
N THR A 65 4.50 0.36 -9.16
CA THR A 65 3.53 0.21 -10.22
C THR A 65 3.89 -0.97 -11.10
N ILE A 66 2.98 -1.92 -11.19
CA ILE A 66 3.09 -3.02 -12.13
C ILE A 66 1.90 -2.96 -13.05
N PRO A 67 2.12 -2.90 -14.38
CA PRO A 67 1.04 -2.78 -15.36
C PRO A 67 -0.05 -3.82 -15.15
N GLY A 68 -1.20 -3.37 -14.66
CA GLY A 68 -2.30 -4.27 -14.39
C GLY A 68 -2.51 -4.50 -12.91
N GLN A 69 -1.45 -4.29 -12.11
CA GLN A 69 -1.51 -4.55 -10.68
C GLN A 69 -1.94 -3.29 -9.93
N GLY A 70 -1.58 -2.14 -10.49
CA GLY A 70 -2.00 -0.88 -9.91
C GLY A 70 -0.84 -0.03 -9.45
N THR A 71 -1.16 1.07 -8.78
CA THR A 71 -0.16 1.96 -8.23
C THR A 71 -0.47 2.25 -6.78
N TYR A 72 0.53 2.14 -5.94
CA TYR A 72 0.43 2.55 -4.57
C TYR A 72 1.33 3.77 -4.40
N THR A 73 0.73 4.91 -4.16
CA THR A 73 1.46 6.16 -4.18
C THR A 73 1.43 6.88 -2.85
N ILE A 74 2.59 7.31 -2.40
CA ILE A 74 2.71 8.12 -1.21
C ILE A 74 3.39 9.45 -1.55
N VAL A 75 2.88 10.53 -0.99
CA VAL A 75 3.52 11.84 -1.16
C VAL A 75 3.94 12.39 0.20
N PRO A 76 4.98 13.26 0.22
CA PRO A 76 5.64 13.72 1.46
C PRO A 76 4.72 14.46 2.43
N ASP A 77 3.48 14.69 2.02
CA ASP A 77 2.50 15.33 2.89
C ASP A 77 2.04 14.37 3.98
N GLY A 78 2.38 13.10 3.79
CA GLY A 78 2.06 12.10 4.80
C GLY A 78 0.82 11.32 4.45
N THR A 79 0.40 11.41 3.19
CA THR A 79 -0.81 10.75 2.75
C THR A 79 -0.48 9.67 1.71
N VAL A 80 -1.17 8.55 1.78
CA VAL A 80 -0.94 7.43 0.89
C VAL A 80 -2.27 6.91 0.35
N THR A 81 -2.24 6.35 -0.86
CA THR A 81 -3.42 5.71 -1.41
C THR A 81 -3.07 4.29 -1.84
N PHE A 82 -3.78 3.32 -1.29
CA PHE A 82 -3.58 1.93 -1.64
C PHE A 82 -4.50 1.58 -2.80
N THR A 83 -3.98 1.58 -4.02
CA THR A 83 -4.76 1.22 -5.18
C THR A 83 -4.25 -0.08 -5.80
N PRO A 84 -4.76 -1.22 -5.30
CA PRO A 84 -4.39 -2.54 -5.80
C PRO A 84 -5.33 -3.03 -6.91
N ASP A 85 -5.07 -4.22 -7.41
CA ASP A 85 -5.99 -4.89 -8.32
C ASP A 85 -6.19 -6.32 -7.85
N LYS A 86 -7.43 -6.78 -7.93
CA LYS A 86 -7.81 -8.08 -7.37
C LYS A 86 -7.66 -9.20 -8.39
N GLN A 87 -7.75 -8.86 -9.67
CA GLN A 87 -7.79 -9.87 -10.73
C GLN A 87 -6.63 -9.71 -11.70
N PHE A 88 -5.47 -9.35 -11.20
CA PHE A 88 -4.30 -9.20 -12.05
C PHE A 88 -3.64 -10.55 -12.30
N VAL A 89 -4.12 -11.25 -13.32
CA VAL A 89 -3.53 -12.50 -13.71
C VAL A 89 -2.48 -12.27 -14.78
N GLY A 90 -1.22 -12.46 -14.41
CA GLY A 90 -0.13 -12.26 -15.33
C GLY A 90 1.20 -12.30 -14.63
N LYS A 91 1.90 -11.18 -14.58
CA LYS A 91 3.20 -11.12 -13.92
C LYS A 91 3.19 -10.11 -12.77
N PRO A 92 2.59 -10.48 -11.62
CA PRO A 92 2.54 -9.63 -10.43
C PRO A 92 3.89 -9.58 -9.72
N ASP A 93 4.10 -8.55 -8.93
CA ASP A 93 5.36 -8.40 -8.20
C ASP A 93 5.09 -8.34 -6.71
N PRO A 94 5.63 -9.32 -5.96
CA PRO A 94 5.50 -9.37 -4.50
C PRO A 94 6.00 -8.09 -3.84
N VAL A 95 5.17 -7.51 -2.99
CA VAL A 95 5.50 -6.24 -2.37
C VAL A 95 4.70 -6.06 -1.07
N THR A 96 5.16 -5.17 -0.23
CA THR A 96 4.47 -4.85 1.01
C THR A 96 4.53 -3.35 1.27
N VAL A 97 3.35 -2.73 1.33
CA VAL A 97 3.26 -1.32 1.64
C VAL A 97 3.09 -1.19 3.15
N LYS A 98 3.76 -0.22 3.78
CA LYS A 98 3.76 -0.15 5.24
C LYS A 98 3.80 1.31 5.72
N ARG A 99 2.69 1.77 6.25
CA ARG A 99 2.63 3.09 6.83
C ARG A 99 1.79 3.03 8.11
N VAL A 100 2.18 3.78 9.11
CA VAL A 100 1.49 3.71 10.40
C VAL A 100 0.50 4.86 10.56
N ASP A 101 -0.43 4.68 11.48
CA ASP A 101 -1.45 5.69 11.77
C ASP A 101 -1.22 6.32 13.15
N LYS A 102 -2.19 7.08 13.63
CA LYS A 102 -2.05 7.77 14.92
C LYS A 102 -1.93 6.78 16.08
N ASN A 103 -2.45 5.58 15.90
CA ASN A 103 -2.40 4.55 16.93
C ASN A 103 -1.07 3.79 16.83
N GLY A 104 -0.34 4.04 15.75
CA GLY A 104 0.90 3.32 15.51
C GLY A 104 0.65 2.02 14.81
N THR A 105 -0.54 1.88 14.23
CA THR A 105 -0.91 0.68 13.52
C THR A 105 -0.42 0.76 12.07
N PRO A 106 0.24 -0.30 11.57
CA PRO A 106 0.72 -0.32 10.21
C PRO A 106 -0.32 -0.85 9.23
N VAL A 107 -0.94 0.05 8.48
CA VAL A 107 -1.82 -0.35 7.40
C VAL A 107 -0.97 -0.83 6.23
N THR A 108 -1.01 -2.14 6.00
CA THR A 108 -0.12 -2.78 5.07
C THR A 108 -0.87 -3.56 4.02
N ALA A 109 -0.15 -4.00 3.00
CA ALA A 109 -0.71 -4.87 1.99
C ALA A 109 0.28 -5.99 1.68
N THR A 110 -0.20 -7.22 1.75
CA THR A 110 0.61 -8.38 1.44
C THR A 110 0.40 -8.78 -0.02
N TYR A 111 1.32 -8.39 -0.87
CA TYR A 111 1.16 -8.61 -2.29
C TYR A 111 2.02 -9.76 -2.77
N SER A 112 1.38 -10.74 -3.38
CA SER A 112 2.04 -11.87 -4.00
C SER A 112 1.15 -12.41 -5.11
N PRO A 113 1.72 -13.06 -6.14
CA PRO A 113 0.94 -13.59 -7.27
C PRO A 113 -0.34 -14.32 -6.86
N GLU A 114 -0.27 -15.07 -5.76
CA GLU A 114 -1.40 -15.85 -5.27
C GLU A 114 -2.59 -14.99 -4.83
N PHE A 115 -2.37 -13.68 -4.71
CA PHE A 115 -3.43 -12.77 -4.28
C PHE A 115 -4.14 -12.14 -5.48
N THR A 116 -3.65 -12.43 -6.68
CA THR A 116 -4.26 -11.89 -7.88
C THR A 116 -4.65 -13.02 -8.83
N LYS A 117 -3.79 -14.02 -8.93
CA LYS A 117 -4.05 -15.18 -9.76
C LYS A 117 -3.90 -16.46 -8.94
N VAL A 118 -3.81 -17.59 -9.63
CA VAL A 118 -3.70 -18.90 -8.99
C VAL A 118 -4.99 -19.24 -8.25
N GLN A 41 -8.88 1.53 1.16
CA GLN A 41 -7.82 1.78 0.15
C GLN A 41 -6.55 2.31 0.82
N GLY A 42 -6.35 1.93 2.07
CA GLY A 42 -5.19 2.38 2.80
C GLY A 42 -5.50 3.57 3.69
N GLY A 43 -6.08 3.29 4.84
CA GLY A 43 -6.41 4.36 5.77
C GLY A 43 -7.70 4.08 6.50
N ASP A 44 -7.62 4.05 7.82
CA ASP A 44 -8.78 3.73 8.64
C ASP A 44 -9.70 4.95 8.78
N PRO A 45 -11.00 4.77 8.51
CA PRO A 45 -11.97 5.86 8.63
C PRO A 45 -12.23 6.26 10.09
N LEU A 46 -11.93 5.35 11.00
CA LEU A 46 -12.09 5.62 12.42
C LEU A 46 -10.79 6.15 13.01
N VAL A 47 -9.68 5.77 12.39
CA VAL A 47 -8.37 6.24 12.84
C VAL A 47 -7.61 6.85 11.66
N PRO A 48 -7.75 8.16 11.44
CA PRO A 48 -7.01 8.85 10.38
C PRO A 48 -5.51 8.70 10.56
N ILE A 49 -4.86 8.13 9.53
CA ILE A 49 -3.43 7.91 9.54
C ILE A 49 -2.68 9.19 9.87
N ASP A 50 -1.72 9.09 10.78
CA ASP A 50 -0.97 10.25 11.22
C ASP A 50 -0.10 10.79 10.09
N GLU A 51 -0.10 12.09 9.92
CA GLU A 51 0.53 12.71 8.76
C GLU A 51 1.97 13.11 9.06
N THR A 52 2.42 12.90 10.28
CA THR A 52 3.79 13.22 10.65
C THR A 52 4.65 11.96 10.81
N VAL A 53 4.05 10.80 10.58
CA VAL A 53 4.78 9.54 10.64
C VAL A 53 5.31 9.17 9.26
N GLU A 54 5.91 7.99 9.15
CA GLU A 54 6.45 7.51 7.89
C GLU A 54 5.41 6.71 7.11
N PRO A 55 4.98 7.22 5.96
CA PRO A 55 4.24 6.48 4.98
C PRO A 55 5.13 6.03 3.81
N THR A 56 5.43 4.74 3.75
CA THR A 56 6.33 4.21 2.72
C THR A 56 5.95 2.78 2.37
N PHE A 57 6.72 2.17 1.49
CA PHE A 57 6.64 0.74 1.29
C PHE A 57 7.80 0.11 2.01
N GLU A 58 7.55 -1.06 2.60
CA GLU A 58 8.53 -1.71 3.47
C GLU A 58 9.79 -2.10 2.69
N ASP A 59 9.68 -2.10 1.37
CA ASP A 59 10.82 -2.40 0.51
C ASP A 59 11.66 -1.15 0.27
N GLY A 60 11.26 -0.04 0.91
CA GLY A 60 12.00 1.19 0.79
C GLY A 60 11.63 2.01 -0.43
N SER A 61 10.42 1.79 -0.93
CA SER A 61 9.96 2.46 -2.13
C SER A 61 8.85 3.46 -1.81
N LYS A 62 8.59 4.36 -2.76
CA LYS A 62 7.55 5.37 -2.61
C LYS A 62 6.40 5.13 -3.59
N GLU A 63 6.74 4.83 -4.84
CA GLU A 63 5.74 4.45 -5.82
C GLU A 63 6.04 3.05 -6.34
N LYS A 64 5.00 2.26 -6.49
CA LYS A 64 5.15 0.91 -7.00
C LYS A 64 4.20 0.70 -8.17
N THR A 65 4.71 0.83 -9.39
CA THR A 65 3.91 0.56 -10.58
C THR A 65 4.40 -0.70 -11.26
N ILE A 66 3.49 -1.64 -11.41
CA ILE A 66 3.77 -2.85 -12.16
C ILE A 66 2.68 -3.02 -13.21
N PRO A 67 3.08 -3.18 -14.49
CA PRO A 67 2.14 -3.26 -15.63
C PRO A 67 0.98 -4.22 -15.38
N GLY A 68 -0.21 -3.65 -15.20
CA GLY A 68 -1.41 -4.45 -15.01
C GLY A 68 -1.74 -4.68 -13.55
N GLN A 69 -0.80 -4.38 -12.66
CA GLN A 69 -0.99 -4.64 -11.24
C GLN A 69 -1.54 -3.40 -10.53
N GLY A 70 -1.13 -2.24 -11.01
CA GLY A 70 -1.62 -1.00 -10.45
C GLY A 70 -0.50 -0.13 -9.93
N THR A 71 -0.81 0.74 -8.97
CA THR A 71 0.19 1.57 -8.35
C THR A 71 -0.25 2.01 -6.95
N TYR A 72 0.70 1.99 -6.05
CA TYR A 72 0.51 2.55 -4.73
C TYR A 72 1.34 3.81 -4.66
N THR A 73 0.72 4.95 -4.40
CA THR A 73 1.43 6.21 -4.40
C THR A 73 1.38 6.89 -3.04
N ILE A 74 2.54 7.37 -2.58
CA ILE A 74 2.61 8.11 -1.34
C ILE A 74 2.99 9.56 -1.61
N VAL A 75 2.32 10.48 -0.93
CA VAL A 75 2.69 11.88 -1.00
C VAL A 75 3.00 12.41 0.39
N PRO A 76 3.97 13.34 0.47
CA PRO A 76 4.50 13.84 1.76
C PRO A 76 3.47 14.56 2.62
N ASP A 77 2.24 14.65 2.15
CA ASP A 77 1.15 15.20 2.94
C ASP A 77 0.83 14.25 4.08
N GLY A 78 1.23 12.99 3.92
CA GLY A 78 1.01 11.99 4.93
C GLY A 78 -0.02 10.97 4.49
N THR A 79 -0.45 11.09 3.25
CA THR A 79 -1.52 10.25 2.73
C THR A 79 -1.00 9.34 1.62
N VAL A 80 -1.53 8.12 1.60
CA VAL A 80 -1.13 7.10 0.62
C VAL A 80 -2.36 6.36 0.14
N THR A 81 -2.46 6.11 -1.15
CA THR A 81 -3.55 5.33 -1.68
C THR A 81 -3.06 3.94 -2.08
N PHE A 82 -3.63 2.91 -1.49
CA PHE A 82 -3.29 1.54 -1.83
C PHE A 82 -4.17 1.12 -2.99
N THR A 83 -3.65 1.19 -4.22
CA THR A 83 -4.46 0.92 -5.40
C THR A 83 -3.96 -0.28 -6.19
N PRO A 84 -4.58 -1.44 -5.99
CA PRO A 84 -4.40 -2.59 -6.87
C PRO A 84 -5.36 -2.50 -8.05
N ASP A 85 -4.92 -2.93 -9.22
CA ASP A 85 -5.75 -2.85 -10.42
C ASP A 85 -7.01 -3.69 -10.25
N LYS A 86 -8.14 -3.12 -10.63
CA LYS A 86 -9.44 -3.72 -10.38
C LYS A 86 -9.68 -4.94 -11.27
N GLN A 87 -8.86 -5.11 -12.30
CA GLN A 87 -9.04 -6.20 -13.23
C GLN A 87 -7.80 -7.08 -13.23
N PHE A 88 -7.03 -7.03 -12.15
CA PHE A 88 -5.83 -7.83 -12.05
C PHE A 88 -6.18 -9.29 -11.85
N VAL A 89 -5.66 -10.12 -12.72
CA VAL A 89 -5.87 -11.56 -12.64
C VAL A 89 -5.00 -12.14 -11.52
N GLY A 90 -5.63 -12.39 -10.37
CA GLY A 90 -4.92 -12.94 -9.24
C GLY A 90 -4.61 -11.88 -8.19
N LYS A 91 -3.49 -12.04 -7.51
CA LYS A 91 -3.06 -11.07 -6.50
C LYS A 91 -1.81 -10.33 -6.98
N PRO A 92 -1.81 -9.00 -6.82
CA PRO A 92 -0.69 -8.11 -7.18
C PRO A 92 0.69 -8.65 -6.79
N ASP A 93 1.69 -8.30 -7.59
CA ASP A 93 3.08 -8.67 -7.35
C ASP A 93 3.57 -8.22 -5.96
N PRO A 94 4.57 -8.94 -5.42
CA PRO A 94 5.09 -8.73 -4.06
C PRO A 94 5.51 -7.30 -3.75
N VAL A 95 4.77 -6.68 -2.85
CA VAL A 95 5.12 -5.37 -2.31
C VAL A 95 4.38 -5.14 -1.00
N THR A 96 5.13 -4.95 0.07
CA THR A 96 4.52 -4.66 1.36
C THR A 96 4.48 -3.16 1.59
N VAL A 97 3.28 -2.64 1.72
CA VAL A 97 3.06 -1.23 1.93
C VAL A 97 3.02 -0.94 3.42
N LYS A 98 3.68 0.13 3.89
CA LYS A 98 3.80 0.36 5.32
C LYS A 98 3.63 1.84 5.68
N ARG A 99 2.52 2.18 6.30
CA ARG A 99 2.33 3.51 6.89
C ARG A 99 1.56 3.35 8.19
N VAL A 100 2.02 4.01 9.25
CA VAL A 100 1.42 3.81 10.57
C VAL A 100 0.45 4.93 10.91
N ASP A 101 -0.53 4.62 11.76
CA ASP A 101 -1.51 5.60 12.19
C ASP A 101 -1.05 6.26 13.50
N LYS A 102 -1.92 7.04 14.12
CA LYS A 102 -1.58 7.72 15.36
C LYS A 102 -1.32 6.72 16.48
N ASN A 103 -2.03 5.61 16.48
CA ASN A 103 -1.81 4.54 17.45
C ASN A 103 -0.48 3.86 17.19
N GLY A 104 -0.08 3.83 15.93
CA GLY A 104 1.16 3.18 15.55
C GLY A 104 0.92 1.92 14.76
N THR A 105 -0.34 1.67 14.42
CA THR A 105 -0.72 0.51 13.63
C THR A 105 -0.47 0.77 12.16
N PRO A 106 0.40 -0.01 11.52
CA PRO A 106 0.69 0.12 10.11
C PRO A 106 -0.39 -0.50 9.23
N VAL A 107 -1.07 0.33 8.44
CA VAL A 107 -1.93 -0.19 7.39
C VAL A 107 -1.06 -0.69 6.27
N THR A 108 -1.02 -2.00 6.13
CA THR A 108 -0.08 -2.65 5.25
C THR A 108 -0.81 -3.52 4.25
N ALA A 109 -0.07 -3.97 3.26
CA ALA A 109 -0.53 -5.00 2.37
C ALA A 109 0.52 -6.07 2.29
N THR A 110 0.14 -7.30 2.56
CA THR A 110 1.07 -8.40 2.53
C THR A 110 1.03 -9.05 1.16
N TYR A 111 1.97 -8.70 0.32
CA TYR A 111 1.99 -9.19 -1.03
C TYR A 111 3.25 -9.96 -1.34
N SER A 112 3.06 -11.19 -1.76
CA SER A 112 4.14 -12.12 -2.05
C SER A 112 3.88 -12.77 -3.40
N PRO A 113 4.90 -13.38 -4.04
CA PRO A 113 4.72 -14.10 -5.32
C PRO A 113 3.91 -15.39 -5.17
N GLU A 114 2.74 -15.26 -4.56
CA GLU A 114 1.80 -16.34 -4.42
C GLU A 114 0.43 -15.82 -4.80
N PHE A 115 -0.44 -16.70 -5.31
CA PHE A 115 -1.73 -16.30 -5.84
C PHE A 115 -1.54 -15.40 -7.06
N THR A 116 -0.66 -15.84 -7.95
CA THR A 116 -0.35 -15.08 -9.16
C THR A 116 -1.47 -15.19 -10.18
N LYS A 117 -1.21 -14.74 -11.40
CA LYS A 117 -2.19 -14.81 -12.48
C LYS A 117 -2.55 -16.24 -12.82
N VAL A 118 -3.57 -16.42 -13.64
CA VAL A 118 -3.91 -17.71 -14.20
C VAL A 118 -3.73 -17.65 -15.71
N GLN A 41 -5.05 -5.87 6.30
CA GLN A 41 -5.46 -4.78 5.39
C GLN A 41 -4.82 -3.48 5.85
N GLY A 42 -4.93 -2.43 5.04
CA GLY A 42 -4.38 -1.16 5.40
C GLY A 42 -5.07 -0.01 4.69
N GLY A 43 -4.80 1.21 5.14
CA GLY A 43 -5.37 2.38 4.51
C GLY A 43 -6.76 2.69 5.03
N ASP A 44 -6.91 2.62 6.35
CA ASP A 44 -8.18 2.88 7.00
C ASP A 44 -8.68 4.29 6.72
N PRO A 45 -9.88 4.43 6.12
CA PRO A 45 -10.48 5.73 5.88
C PRO A 45 -11.10 6.31 7.15
N LEU A 46 -11.40 5.44 8.11
CA LEU A 46 -11.93 5.85 9.40
C LEU A 46 -10.80 6.24 10.33
N VAL A 47 -9.61 5.72 10.05
CA VAL A 47 -8.43 6.03 10.83
C VAL A 47 -7.34 6.54 9.91
N PRO A 48 -7.39 7.83 9.58
CA PRO A 48 -6.46 8.43 8.61
C PRO A 48 -5.01 8.26 9.03
N ILE A 49 -4.15 8.01 8.06
CA ILE A 49 -2.73 7.84 8.31
C ILE A 49 -2.13 9.12 8.87
N ASP A 50 -1.31 8.99 9.89
CA ASP A 50 -0.70 10.15 10.52
C ASP A 50 0.34 10.77 9.59
N GLU A 51 0.23 12.07 9.39
CA GLU A 51 1.04 12.74 8.40
C GLU A 51 2.36 13.24 8.97
N THR A 52 2.60 12.99 10.26
CA THR A 52 3.85 13.40 10.87
C THR A 52 4.77 12.20 11.09
N VAL A 53 4.21 11.01 10.96
CA VAL A 53 5.00 9.78 11.05
C VAL A 53 5.50 9.37 9.68
N GLU A 54 6.13 8.21 9.58
CA GLU A 54 6.64 7.74 8.30
C GLU A 54 5.63 6.83 7.61
N PRO A 55 5.10 7.30 6.46
CA PRO A 55 4.34 6.47 5.55
C PRO A 55 5.20 6.04 4.36
N THR A 56 5.58 4.77 4.33
CA THR A 56 6.42 4.25 3.26
C THR A 56 5.97 2.87 2.82
N PHE A 57 6.65 2.33 1.84
CA PHE A 57 6.50 0.94 1.47
C PHE A 57 7.69 0.16 2.01
N GLU A 58 7.53 -1.16 2.16
CA GLU A 58 8.49 -1.99 2.89
C GLU A 58 9.93 -1.77 2.43
N ASP A 59 10.13 -1.71 1.11
CA ASP A 59 11.48 -1.55 0.56
C ASP A 59 11.93 -0.08 0.60
N GLY A 60 11.12 0.76 1.22
CA GLY A 60 11.42 2.18 1.30
C GLY A 60 10.85 2.93 0.13
N SER A 61 9.98 2.27 -0.62
CA SER A 61 9.44 2.84 -1.85
C SER A 61 8.42 3.92 -1.56
N LYS A 62 8.14 4.75 -2.55
CA LYS A 62 7.17 5.83 -2.40
C LYS A 62 6.03 5.68 -3.42
N GLU A 63 6.29 4.94 -4.49
CA GLU A 63 5.27 4.65 -5.49
C GLU A 63 5.64 3.38 -6.25
N LYS A 64 4.69 2.47 -6.34
CA LYS A 64 4.89 1.22 -7.07
C LYS A 64 3.79 1.02 -8.10
N THR A 65 4.09 1.33 -9.35
CA THR A 65 3.16 1.08 -10.44
C THR A 65 3.49 -0.24 -11.11
N ILE A 66 2.52 -1.12 -11.17
CA ILE A 66 2.68 -2.40 -11.83
C ILE A 66 1.57 -2.58 -12.86
N PRO A 67 1.93 -2.77 -14.14
CA PRO A 67 0.96 -2.87 -15.23
C PRO A 67 -0.16 -3.88 -14.98
N GLY A 68 -1.36 -3.36 -14.77
CA GLY A 68 -2.52 -4.20 -14.56
C GLY A 68 -2.81 -4.42 -13.09
N GLN A 69 -1.92 -3.96 -12.23
CA GLN A 69 -2.05 -4.21 -10.79
C GLN A 69 -2.42 -2.93 -10.06
N GLY A 70 -1.92 -1.81 -10.56
CA GLY A 70 -2.27 -0.52 -9.99
C GLY A 70 -1.07 0.24 -9.48
N THR A 71 -1.30 1.13 -8.53
CA THR A 71 -0.23 1.90 -7.93
C THR A 71 -0.57 2.27 -6.49
N TYR A 72 0.41 2.14 -5.62
CA TYR A 72 0.29 2.63 -4.27
C TYR A 72 1.24 3.81 -4.12
N THR A 73 0.72 4.97 -3.77
CA THR A 73 1.51 6.19 -3.77
C THR A 73 1.62 6.82 -2.39
N ILE A 74 2.66 7.64 -2.23
CA ILE A 74 2.83 8.45 -1.05
C ILE A 74 3.77 9.62 -1.36
N VAL A 75 3.31 10.83 -1.13
CA VAL A 75 4.16 12.00 -1.26
C VAL A 75 4.49 12.54 0.12
N PRO A 76 5.59 13.30 0.26
CA PRO A 76 6.13 13.73 1.56
C PRO A 76 5.17 14.61 2.38
N ASP A 77 4.00 14.88 1.84
CA ASP A 77 2.96 15.61 2.58
C ASP A 77 2.21 14.65 3.49
N GLY A 78 2.41 13.36 3.26
CA GLY A 78 1.75 12.35 4.07
C GLY A 78 0.49 11.82 3.41
N THR A 79 0.50 11.76 2.09
CA THR A 79 -0.65 11.28 1.34
C THR A 79 -0.57 9.76 1.18
N VAL A 80 -1.69 9.08 1.38
CA VAL A 80 -1.71 7.64 1.30
C VAL A 80 -2.93 7.13 0.54
N THR A 81 -2.69 6.32 -0.46
CA THR A 81 -3.76 5.62 -1.15
C THR A 81 -3.29 4.25 -1.63
N PHE A 82 -3.79 3.21 -0.99
CA PHE A 82 -3.50 1.85 -1.41
C PHE A 82 -4.47 1.47 -2.51
N THR A 83 -4.01 1.50 -3.75
CA THR A 83 -4.86 1.20 -4.89
C THR A 83 -4.48 -0.13 -5.53
N PRO A 84 -5.07 -1.23 -5.04
CA PRO A 84 -4.80 -2.57 -5.54
C PRO A 84 -5.76 -2.98 -6.65
N ASP A 85 -5.44 -4.07 -7.34
CA ASP A 85 -6.37 -4.67 -8.28
C ASP A 85 -6.43 -6.17 -8.04
N LYS A 86 -7.55 -6.64 -7.53
CA LYS A 86 -7.71 -8.05 -7.17
C LYS A 86 -8.20 -8.87 -8.36
N GLN A 87 -8.06 -8.33 -9.56
CA GLN A 87 -8.48 -9.02 -10.77
C GLN A 87 -7.29 -9.23 -11.70
N PHE A 88 -6.11 -8.89 -11.20
CA PHE A 88 -4.89 -9.01 -11.98
C PHE A 88 -4.34 -10.42 -11.91
N VAL A 89 -4.35 -11.10 -13.05
CA VAL A 89 -3.77 -12.42 -13.15
C VAL A 89 -2.56 -12.38 -14.08
N GLY A 90 -1.39 -12.31 -13.48
CA GLY A 90 -0.16 -12.23 -14.25
C GLY A 90 1.04 -11.97 -13.36
N LYS A 91 1.07 -12.68 -12.23
CA LYS A 91 2.12 -12.54 -11.23
C LYS A 91 2.18 -11.11 -10.68
N PRO A 92 1.33 -10.80 -9.68
CA PRO A 92 1.39 -9.52 -8.98
C PRO A 92 2.76 -9.30 -8.33
N ASP A 93 3.31 -8.11 -8.50
CA ASP A 93 4.63 -7.79 -7.99
C ASP A 93 4.68 -7.92 -6.48
N PRO A 94 5.62 -8.73 -5.96
CA PRO A 94 5.78 -8.95 -4.52
C PRO A 94 6.17 -7.67 -3.79
N VAL A 95 5.19 -6.99 -3.25
CA VAL A 95 5.41 -5.78 -2.51
C VAL A 95 4.71 -5.86 -1.15
N THR A 96 5.13 -5.03 -0.24
CA THR A 96 4.48 -4.93 1.05
C THR A 96 4.43 -3.47 1.46
N VAL A 97 3.26 -3.04 1.87
CA VAL A 97 3.10 -1.68 2.35
C VAL A 97 3.31 -1.66 3.85
N LYS A 98 4.03 -0.66 4.35
CA LYS A 98 4.30 -0.59 5.77
C LYS A 98 4.32 0.86 6.22
N ARG A 99 3.29 1.26 6.96
CA ARG A 99 3.23 2.60 7.53
C ARG A 99 2.26 2.62 8.68
N VAL A 100 2.42 3.56 9.58
CA VAL A 100 1.57 3.60 10.77
C VAL A 100 0.58 4.76 10.74
N ASP A 101 -0.63 4.50 11.19
CA ASP A 101 -1.67 5.52 11.25
C ASP A 101 -1.65 6.26 12.58
N LYS A 102 -2.68 7.05 12.84
CA LYS A 102 -2.74 7.87 14.05
C LYS A 102 -2.68 7.02 15.32
N ASN A 103 -3.17 5.79 15.26
CA ASN A 103 -3.16 4.90 16.41
C ASN A 103 -1.85 4.16 16.51
N GLY A 104 -1.06 4.24 15.45
CA GLY A 104 0.22 3.55 15.42
C GLY A 104 0.11 2.15 14.84
N THR A 105 -1.03 1.88 14.22
CA THR A 105 -1.25 0.59 13.58
C THR A 105 -0.55 0.53 12.23
N PRO A 106 0.26 -0.51 11.99
CA PRO A 106 0.93 -0.71 10.72
C PRO A 106 -0.02 -1.21 9.64
N VAL A 107 -0.50 -0.28 8.81
CA VAL A 107 -1.33 -0.63 7.68
C VAL A 107 -0.47 -1.24 6.57
N THR A 108 -0.64 -2.54 6.38
CA THR A 108 0.17 -3.27 5.43
C THR A 108 -0.70 -3.91 4.35
N ALA A 109 -0.04 -4.38 3.31
CA ALA A 109 -0.71 -5.13 2.27
C ALA A 109 0.21 -6.27 1.84
N THR A 110 -0.32 -7.47 1.82
CA THR A 110 0.46 -8.64 1.46
C THR A 110 0.37 -8.93 -0.02
N TYR A 111 1.36 -8.49 -0.77
CA TYR A 111 1.38 -8.68 -2.20
C TYR A 111 2.52 -9.58 -2.63
N SER A 112 2.16 -10.65 -3.32
CA SER A 112 3.13 -11.61 -3.83
C SER A 112 2.52 -12.36 -5.00
N PRO A 113 3.32 -13.05 -5.83
CA PRO A 113 2.82 -13.85 -6.95
C PRO A 113 1.61 -14.69 -6.59
N GLU A 114 1.72 -15.42 -5.48
CA GLU A 114 0.63 -16.27 -5.01
C GLU A 114 -0.40 -15.45 -4.22
N PHE A 115 -0.97 -14.46 -4.89
CA PHE A 115 -2.03 -13.65 -4.33
C PHE A 115 -3.21 -13.65 -5.29
N THR A 116 -4.39 -14.04 -4.80
CA THR A 116 -5.62 -14.12 -5.60
C THR A 116 -5.39 -14.89 -6.92
N LYS A 117 -6.16 -14.52 -7.96
CA LYS A 117 -6.05 -15.13 -9.29
C LYS A 117 -6.67 -16.52 -9.33
N VAL A 118 -6.49 -17.19 -10.45
CA VAL A 118 -6.96 -18.54 -10.61
C VAL A 118 -5.78 -19.51 -10.63
N GLN A 41 -10.29 4.18 0.75
CA GLN A 41 -10.51 3.42 2.00
C GLN A 41 -9.40 3.73 3.00
N GLY A 42 -8.17 3.84 2.52
CA GLY A 42 -7.05 4.19 3.38
C GLY A 42 -6.48 3.00 4.12
N GLY A 43 -7.28 2.43 4.99
CA GLY A 43 -6.85 1.29 5.78
C GLY A 43 -7.77 1.06 6.95
N ASP A 44 -7.75 1.98 7.90
CA ASP A 44 -8.67 1.95 9.02
C ASP A 44 -9.49 3.24 9.04
N PRO A 45 -10.75 3.18 8.58
CA PRO A 45 -11.64 4.34 8.59
C PRO A 45 -12.03 4.75 10.01
N LEU A 46 -11.69 3.91 10.98
CA LEU A 46 -11.94 4.20 12.38
C LEU A 46 -10.80 5.05 12.94
N VAL A 47 -9.67 5.04 12.26
CA VAL A 47 -8.49 5.77 12.71
C VAL A 47 -7.83 6.44 11.52
N PRO A 48 -8.23 7.67 11.23
CA PRO A 48 -7.66 8.43 10.12
C PRO A 48 -6.14 8.49 10.20
N ILE A 49 -5.49 7.97 9.16
CA ILE A 49 -4.03 7.87 9.10
C ILE A 49 -3.35 9.20 9.45
N ASP A 50 -2.33 9.11 10.29
CA ASP A 50 -1.62 10.28 10.77
C ASP A 50 -0.69 10.83 9.70
N GLU A 51 -0.78 12.12 9.45
CA GLU A 51 -0.03 12.74 8.35
C GLU A 51 1.37 13.16 8.78
N THR A 52 1.66 13.08 10.08
CA THR A 52 2.97 13.51 10.55
C THR A 52 3.88 12.31 10.84
N VAL A 53 3.39 11.11 10.59
CA VAL A 53 4.19 9.90 10.75
C VAL A 53 4.86 9.52 9.42
N GLU A 54 5.54 8.38 9.42
CA GLU A 54 6.20 7.90 8.22
C GLU A 54 5.35 6.88 7.46
N PRO A 55 4.80 7.29 6.32
CA PRO A 55 4.19 6.38 5.37
C PRO A 55 5.18 5.95 4.29
N THR A 56 5.60 4.69 4.36
CA THR A 56 6.60 4.17 3.42
C THR A 56 6.37 2.71 3.15
N PHE A 57 6.67 2.27 1.94
CA PHE A 57 6.56 0.86 1.61
C PHE A 57 7.70 0.14 2.31
N GLU A 58 7.46 -1.10 2.69
CA GLU A 58 8.33 -1.79 3.64
C GLU A 58 9.77 -1.93 3.13
N ASP A 59 9.96 -1.80 1.81
CA ASP A 59 11.28 -1.88 1.21
C ASP A 59 11.92 -0.49 1.10
N GLY A 60 11.22 0.52 1.57
CA GLY A 60 11.70 1.88 1.45
C GLY A 60 11.29 2.52 0.14
N SER A 61 10.20 2.02 -0.44
CA SER A 61 9.71 2.54 -1.71
C SER A 61 8.64 3.59 -1.48
N LYS A 62 8.52 4.52 -2.43
CA LYS A 62 7.53 5.60 -2.35
C LYS A 62 6.45 5.40 -3.41
N GLU A 63 6.77 4.67 -4.46
CA GLU A 63 5.79 4.31 -5.48
C GLU A 63 6.08 2.90 -6.00
N LYS A 64 5.02 2.19 -6.30
CA LYS A 64 5.11 0.84 -6.81
C LYS A 64 4.07 0.64 -7.90
N THR A 65 4.53 0.55 -9.14
CA THR A 65 3.62 0.33 -10.25
C THR A 65 3.94 -0.97 -10.98
N ILE A 66 2.90 -1.73 -11.23
CA ILE A 66 3.00 -2.92 -12.05
C ILE A 66 1.79 -2.94 -13.00
N PRO A 67 2.06 -2.99 -14.32
CA PRO A 67 0.99 -2.97 -15.33
C PRO A 67 -0.09 -4.03 -15.07
N GLY A 68 -1.26 -3.57 -14.66
CA GLY A 68 -2.36 -4.48 -14.37
C GLY A 68 -2.63 -4.57 -12.89
N GLN A 69 -1.63 -4.23 -12.08
CA GLN A 69 -1.74 -4.36 -10.62
C GLN A 69 -2.16 -3.03 -9.99
N GLY A 70 -1.72 -1.94 -10.62
CA GLY A 70 -2.06 -0.63 -10.13
C GLY A 70 -0.85 0.14 -9.65
N THR A 71 -1.07 1.06 -8.74
CA THR A 71 0.03 1.85 -8.19
C THR A 71 -0.27 2.25 -6.75
N TYR A 72 0.77 2.30 -5.95
CA TYR A 72 0.70 2.81 -4.61
C TYR A 72 1.67 3.98 -4.52
N THR A 73 1.19 5.15 -4.10
CA THR A 73 2.02 6.34 -4.10
C THR A 73 2.01 7.06 -2.76
N ILE A 74 3.20 7.45 -2.31
CA ILE A 74 3.35 8.32 -1.16
C ILE A 74 4.30 9.46 -1.49
N VAL A 75 3.82 10.68 -1.32
CA VAL A 75 4.67 11.85 -1.43
C VAL A 75 4.81 12.49 -0.05
N PRO A 76 5.94 13.19 0.20
CA PRO A 76 6.33 13.67 1.54
C PRO A 76 5.29 14.56 2.24
N ASP A 77 4.23 14.91 1.53
CA ASP A 77 3.14 15.67 2.13
C ASP A 77 2.43 14.83 3.18
N GLY A 78 2.53 13.52 3.04
CA GLY A 78 1.90 12.60 3.97
C GLY A 78 0.65 11.97 3.42
N THR A 79 0.53 11.99 2.09
CA THR A 79 -0.65 11.47 1.44
C THR A 79 -0.33 10.18 0.68
N VAL A 80 -1.09 9.13 0.97
CA VAL A 80 -0.87 7.82 0.36
C VAL A 80 -2.19 7.25 -0.14
N THR A 81 -2.16 6.66 -1.31
CA THR A 81 -3.32 5.97 -1.83
C THR A 81 -2.98 4.50 -2.06
N PHE A 82 -3.66 3.62 -1.36
CA PHE A 82 -3.52 2.19 -1.62
C PHE A 82 -4.46 1.81 -2.74
N THR A 83 -3.94 1.74 -3.97
CA THR A 83 -4.76 1.41 -5.12
C THR A 83 -4.32 0.09 -5.76
N PRO A 84 -4.85 -1.03 -5.26
CA PRO A 84 -4.58 -2.35 -5.80
C PRO A 84 -5.61 -2.78 -6.85
N ASP A 85 -5.32 -3.87 -7.54
CA ASP A 85 -6.28 -4.49 -8.44
C ASP A 85 -6.58 -5.89 -7.95
N LYS A 86 -7.76 -6.07 -7.38
CA LYS A 86 -8.12 -7.32 -6.70
C LYS A 86 -8.29 -8.48 -7.68
N GLN A 87 -8.31 -8.18 -8.97
CA GLN A 87 -8.57 -9.19 -9.98
C GLN A 87 -7.32 -9.48 -10.79
N PHE A 88 -6.19 -8.95 -10.37
CA PHE A 88 -4.95 -9.16 -11.09
C PHE A 88 -4.23 -10.40 -10.58
N VAL A 89 -4.71 -11.56 -10.98
CA VAL A 89 -4.04 -12.80 -10.66
C VAL A 89 -3.29 -13.32 -11.89
N GLY A 90 -1.99 -13.56 -11.72
CA GLY A 90 -1.16 -14.01 -12.80
C GLY A 90 0.30 -13.84 -12.46
N LYS A 91 0.81 -12.63 -12.64
CA LYS A 91 2.18 -12.33 -12.26
C LYS A 91 2.29 -10.94 -11.63
N PRO A 92 1.86 -10.81 -10.37
CA PRO A 92 2.02 -9.58 -9.60
C PRO A 92 3.43 -9.45 -9.02
N ASP A 93 3.74 -8.28 -8.49
CA ASP A 93 5.04 -8.05 -7.88
C ASP A 93 4.93 -8.09 -6.36
N PRO A 94 5.73 -8.94 -5.70
CA PRO A 94 5.72 -9.07 -4.24
C PRO A 94 6.15 -7.77 -3.56
N VAL A 95 5.18 -7.05 -3.02
CA VAL A 95 5.45 -5.77 -2.40
C VAL A 95 4.59 -5.57 -1.15
N THR A 96 5.23 -5.13 -0.08
CA THR A 96 4.54 -4.75 1.12
C THR A 96 4.43 -3.24 1.21
N VAL A 97 3.22 -2.75 1.03
CA VAL A 97 2.95 -1.31 1.08
C VAL A 97 2.58 -0.93 2.50
N LYS A 98 3.30 0.01 3.10
CA LYS A 98 3.15 0.25 4.52
C LYS A 98 2.93 1.74 4.84
N ARG A 99 2.19 1.99 5.91
CA ARG A 99 2.13 3.29 6.54
C ARG A 99 1.46 3.13 7.90
N VAL A 100 1.99 3.81 8.91
CA VAL A 100 1.47 3.62 10.26
C VAL A 100 0.49 4.74 10.62
N ASP A 101 -0.48 4.40 11.45
CA ASP A 101 -1.50 5.37 11.87
C ASP A 101 -1.09 6.04 13.18
N LYS A 102 -2.02 6.76 13.80
CA LYS A 102 -1.76 7.45 15.06
C LYS A 102 -1.43 6.44 16.17
N ASN A 103 -2.03 5.26 16.11
CA ASN A 103 -1.74 4.21 17.07
C ASN A 103 -0.41 3.53 16.76
N GLY A 104 0.08 3.76 15.55
CA GLY A 104 1.33 3.17 15.12
C GLY A 104 1.14 1.85 14.43
N THR A 105 -0.11 1.55 14.07
CA THR A 105 -0.43 0.31 13.39
C THR A 105 -0.24 0.48 11.88
N PRO A 106 0.63 -0.34 11.27
CA PRO A 106 0.90 -0.27 9.83
C PRO A 106 -0.24 -0.84 9.00
N VAL A 107 -0.99 0.02 8.34
CA VAL A 107 -1.94 -0.42 7.33
C VAL A 107 -1.15 -0.82 6.09
N THR A 108 -1.16 -2.10 5.81
CA THR A 108 -0.28 -2.65 4.80
C THR A 108 -1.03 -3.47 3.77
N ALA A 109 -0.40 -3.63 2.63
CA ALA A 109 -0.85 -4.55 1.62
C ALA A 109 0.32 -5.43 1.23
N THR A 110 0.13 -6.74 1.26
CA THR A 110 1.22 -7.66 1.01
C THR A 110 0.96 -8.48 -0.24
N TYR A 111 1.58 -8.06 -1.33
CA TYR A 111 1.43 -8.75 -2.60
C TYR A 111 2.49 -9.82 -2.76
N SER A 112 2.15 -10.85 -3.53
CA SER A 112 3.04 -11.97 -3.74
C SER A 112 2.85 -12.57 -5.13
N PRO A 113 3.75 -13.46 -5.59
CA PRO A 113 3.64 -14.09 -6.92
C PRO A 113 2.27 -14.71 -7.16
N GLU A 114 1.72 -15.36 -6.15
CA GLU A 114 0.41 -15.99 -6.27
C GLU A 114 -0.68 -15.02 -5.83
N PHE A 115 -0.54 -14.50 -4.62
CA PHE A 115 -1.47 -13.53 -4.03
C PHE A 115 -2.87 -14.13 -3.84
N THR A 116 -3.75 -13.91 -4.81
CA THR A 116 -5.13 -14.37 -4.73
C THR A 116 -5.74 -14.36 -6.14
N LYS A 117 -6.80 -15.12 -6.34
CA LYS A 117 -7.51 -15.13 -7.61
C LYS A 117 -8.99 -14.84 -7.40
N VAL A 118 -9.73 -14.80 -8.48
CA VAL A 118 -11.14 -14.46 -8.43
C VAL A 118 -11.97 -15.55 -9.09
N GLN A 41 -9.03 2.15 -0.03
CA GLN A 41 -7.69 2.42 -0.59
C GLN A 41 -6.68 2.71 0.52
N GLY A 42 -6.74 1.91 1.58
CA GLY A 42 -5.85 2.10 2.70
C GLY A 42 -5.91 0.94 3.66
N GLY A 43 -6.86 1.01 4.60
CA GLY A 43 -7.01 -0.07 5.56
C GLY A 43 -7.26 0.44 6.97
N ASP A 44 -7.11 1.74 7.16
CA ASP A 44 -7.35 2.37 8.46
C ASP A 44 -8.79 2.86 8.57
N PRO A 45 -9.68 2.06 9.16
CA PRO A 45 -11.11 2.33 9.14
C PRO A 45 -11.50 3.55 9.96
N LEU A 46 -11.08 3.56 11.22
CA LEU A 46 -11.40 4.66 12.10
C LEU A 46 -10.13 5.30 12.63
N VAL A 47 -9.02 5.07 11.94
CA VAL A 47 -7.76 5.63 12.37
C VAL A 47 -7.05 6.29 11.20
N PRO A 48 -7.50 7.49 10.82
CA PRO A 48 -6.92 8.23 9.71
C PRO A 48 -5.41 8.40 9.86
N ILE A 49 -4.68 7.88 8.87
CA ILE A 49 -3.22 7.91 8.86
C ILE A 49 -2.67 9.31 9.15
N ASP A 50 -1.76 9.39 10.11
CA ASP A 50 -1.15 10.65 10.51
C ASP A 50 -0.30 11.20 9.38
N GLU A 51 -0.41 12.50 9.14
CA GLU A 51 0.21 13.10 7.97
C GLU A 51 1.64 13.56 8.25
N THR A 52 2.14 13.33 9.45
CA THR A 52 3.50 13.72 9.79
C THR A 52 4.35 12.52 10.20
N VAL A 53 3.75 11.33 10.21
CA VAL A 53 4.47 10.11 10.54
C VAL A 53 5.14 9.54 9.30
N GLU A 54 5.72 8.35 9.42
CA GLU A 54 6.39 7.72 8.31
C GLU A 54 5.49 6.73 7.58
N PRO A 55 5.00 7.11 6.39
CA PRO A 55 4.35 6.20 5.48
C PRO A 55 5.32 5.77 4.38
N THR A 56 5.77 4.52 4.45
CA THR A 56 6.76 4.02 3.52
C THR A 56 6.45 2.58 3.15
N PHE A 57 6.78 2.20 1.93
CA PHE A 57 6.58 0.83 1.50
C PHE A 57 7.64 -0.03 2.16
N GLU A 58 7.33 -1.28 2.42
CA GLU A 58 8.23 -2.16 3.18
C GLU A 58 9.63 -2.13 2.58
N ASP A 59 9.69 -2.16 1.26
CA ASP A 59 10.97 -2.17 0.52
C ASP A 59 11.69 -0.82 0.58
N GLY A 60 11.12 0.15 1.28
CA GLY A 60 11.71 1.48 1.33
C GLY A 60 11.33 2.31 0.12
N SER A 61 10.16 2.05 -0.44
CA SER A 61 9.72 2.74 -1.65
C SER A 61 8.62 3.76 -1.32
N LYS A 62 8.45 4.72 -2.23
CA LYS A 62 7.40 5.73 -2.09
C LYS A 62 6.31 5.51 -3.14
N GLU A 63 6.64 4.76 -4.17
CA GLU A 63 5.66 4.35 -5.17
C GLU A 63 6.04 3.00 -5.74
N LYS A 64 5.05 2.14 -5.88
CA LYS A 64 5.25 0.86 -6.50
C LYS A 64 4.21 0.67 -7.59
N THR A 65 4.67 0.62 -8.82
CA THR A 65 3.77 0.36 -9.92
C THR A 65 4.15 -0.92 -10.63
N ILE A 66 3.18 -1.81 -10.73
CA ILE A 66 3.31 -3.04 -11.46
C ILE A 66 2.27 -3.04 -12.56
N PRO A 67 2.70 -3.15 -13.83
CA PRO A 67 1.83 -3.05 -15.00
C PRO A 67 0.50 -3.79 -14.84
N GLY A 68 -0.58 -3.02 -14.70
CA GLY A 68 -1.90 -3.59 -14.59
C GLY A 68 -2.32 -3.84 -13.16
N GLN A 69 -1.36 -4.13 -12.29
CA GLN A 69 -1.66 -4.49 -10.91
C GLN A 69 -2.07 -3.27 -10.11
N GLY A 70 -1.54 -2.12 -10.50
CA GLY A 70 -1.94 -0.88 -9.88
C GLY A 70 -0.77 -0.09 -9.34
N THR A 71 -1.07 0.96 -8.60
CA THR A 71 -0.04 1.79 -8.00
C THR A 71 -0.45 2.22 -6.60
N TYR A 72 0.48 2.07 -5.68
CA TYR A 72 0.33 2.62 -4.36
C TYR A 72 1.27 3.82 -4.28
N THR A 73 0.77 4.96 -3.85
CA THR A 73 1.60 6.16 -3.82
C THR A 73 1.50 6.90 -2.50
N ILE A 74 2.63 7.42 -2.05
CA ILE A 74 2.69 8.28 -0.89
C ILE A 74 3.48 9.53 -1.22
N VAL A 75 2.93 10.68 -0.87
CA VAL A 75 3.66 11.94 -1.03
C VAL A 75 3.91 12.55 0.34
N PRO A 76 5.03 13.31 0.47
CA PRO A 76 5.53 13.80 1.76
C PRO A 76 4.55 14.69 2.52
N ASP A 77 3.43 15.02 1.89
CA ASP A 77 2.40 15.83 2.52
C ASP A 77 1.71 15.03 3.62
N GLY A 78 1.93 13.72 3.61
CA GLY A 78 1.35 12.86 4.61
C GLY A 78 0.08 12.20 4.14
N THR A 79 -0.12 12.20 2.83
CA THR A 79 -1.29 11.58 2.25
C THR A 79 -0.88 10.40 1.38
N VAL A 80 -1.58 9.28 1.56
CA VAL A 80 -1.21 8.03 0.90
C VAL A 80 -2.43 7.35 0.32
N THR A 81 -2.25 6.62 -0.77
CA THR A 81 -3.34 5.85 -1.34
C THR A 81 -2.87 4.45 -1.73
N PHE A 82 -3.54 3.44 -1.19
CA PHE A 82 -3.26 2.06 -1.52
C PHE A 82 -4.26 1.57 -2.56
N THR A 83 -3.87 1.57 -3.83
CA THR A 83 -4.75 1.14 -4.89
C THR A 83 -4.25 -0.14 -5.55
N PRO A 84 -4.79 -1.30 -5.12
CA PRO A 84 -4.41 -2.59 -5.65
C PRO A 84 -5.25 -3.02 -6.85
N ASP A 85 -4.90 -4.16 -7.42
CA ASP A 85 -5.59 -4.72 -8.57
C ASP A 85 -6.97 -5.26 -8.21
N LYS A 86 -7.99 -4.49 -8.54
CA LYS A 86 -9.35 -4.96 -8.37
C LYS A 86 -9.85 -5.62 -9.65
N GLN A 87 -9.07 -5.49 -10.71
CA GLN A 87 -9.42 -6.07 -12.00
C GLN A 87 -8.34 -7.05 -12.45
N PHE A 88 -7.11 -6.56 -12.46
CA PHE A 88 -5.96 -7.34 -12.90
C PHE A 88 -5.79 -8.60 -12.07
N VAL A 89 -5.35 -9.66 -12.72
CA VAL A 89 -5.05 -10.90 -12.04
C VAL A 89 -4.11 -11.74 -12.92
N GLY A 90 -3.19 -12.46 -12.28
CA GLY A 90 -2.24 -13.25 -13.03
C GLY A 90 -0.93 -13.43 -12.30
N LYS A 91 0.03 -12.57 -12.58
CA LYS A 91 1.32 -12.62 -11.90
C LYS A 91 1.59 -11.30 -11.18
N PRO A 92 1.14 -11.19 -9.93
CA PRO A 92 1.40 -10.02 -9.10
C PRO A 92 2.85 -10.01 -8.60
N ASP A 93 3.46 -8.83 -8.60
CA ASP A 93 4.82 -8.69 -8.14
C ASP A 93 4.82 -8.51 -6.63
N PRO A 94 5.66 -9.29 -5.91
CA PRO A 94 5.73 -9.25 -4.45
C PRO A 94 6.15 -7.89 -3.91
N VAL A 95 5.27 -7.31 -3.10
CA VAL A 95 5.53 -6.03 -2.49
C VAL A 95 4.63 -5.83 -1.27
N THR A 96 5.23 -5.39 -0.17
CA THR A 96 4.47 -5.05 1.01
C THR A 96 4.41 -3.52 1.15
N VAL A 97 3.20 -2.99 1.13
CA VAL A 97 3.00 -1.56 1.26
C VAL A 97 2.71 -1.24 2.71
N LYS A 98 3.27 -0.15 3.25
CA LYS A 98 3.17 0.11 4.68
C LYS A 98 2.95 1.60 4.97
N ARG A 99 2.23 1.88 6.04
CA ARG A 99 2.06 3.24 6.55
C ARG A 99 1.40 3.18 7.93
N VAL A 100 1.91 3.93 8.90
CA VAL A 100 1.35 3.89 10.24
C VAL A 100 0.41 5.07 10.48
N ASP A 101 -0.60 4.85 11.34
CA ASP A 101 -1.55 5.88 11.68
C ASP A 101 -1.12 6.61 12.95
N LYS A 102 -2.03 7.43 13.49
CA LYS A 102 -1.76 8.19 14.71
C LYS A 102 -1.37 7.30 15.88
N ASN A 103 -2.07 6.17 16.04
CA ASN A 103 -1.82 5.28 17.16
C ASN A 103 -0.62 4.39 16.88
N GLY A 104 -0.25 4.28 15.60
CA GLY A 104 0.96 3.57 15.24
C GLY A 104 0.72 2.22 14.62
N THR A 105 -0.50 1.97 14.17
CA THR A 105 -0.79 0.73 13.47
C THR A 105 -0.42 0.84 11.99
N PRO A 106 0.50 0.00 11.52
CA PRO A 106 0.89 -0.02 10.11
C PRO A 106 -0.14 -0.74 9.24
N VAL A 107 -0.96 0.02 8.54
CA VAL A 107 -1.87 -0.56 7.56
C VAL A 107 -1.07 -0.95 6.33
N THR A 108 -1.07 -2.24 6.05
CA THR A 108 -0.18 -2.78 5.05
C THR A 108 -0.95 -3.58 4.00
N ALA A 109 -0.29 -3.77 2.87
CA ALA A 109 -0.76 -4.70 1.86
C ALA A 109 0.39 -5.62 1.49
N THR A 110 0.17 -6.91 1.55
CA THR A 110 1.24 -7.87 1.33
C THR A 110 0.97 -8.69 0.09
N TYR A 111 1.67 -8.38 -0.98
CA TYR A 111 1.47 -9.07 -2.24
C TYR A 111 2.53 -10.12 -2.49
N SER A 112 2.07 -11.31 -2.84
CA SER A 112 2.95 -12.43 -3.12
C SER A 112 2.52 -13.08 -4.43
N PRO A 113 3.48 -13.62 -5.21
CA PRO A 113 3.19 -14.24 -6.50
C PRO A 113 2.55 -15.62 -6.38
N GLU A 114 1.95 -15.89 -5.23
CA GLU A 114 1.33 -17.18 -4.96
C GLU A 114 -0.06 -17.25 -5.58
N PHE A 115 -0.73 -16.10 -5.65
CA PHE A 115 -2.04 -16.02 -6.25
C PHE A 115 -1.91 -15.83 -7.75
N THR A 116 -2.52 -16.70 -8.52
CA THR A 116 -2.46 -16.62 -9.96
C THR A 116 -3.77 -16.07 -10.54
N LYS A 117 -4.77 -16.93 -10.66
CA LYS A 117 -6.08 -16.55 -11.19
C LYS A 117 -6.98 -17.77 -11.24
N VAL A 118 -8.18 -17.61 -11.77
CA VAL A 118 -9.10 -18.72 -11.90
C VAL A 118 -8.88 -19.43 -13.24
N GLN A 41 -8.95 7.22 2.86
CA GLN A 41 -8.16 6.87 1.65
C GLN A 41 -7.35 5.60 1.88
N GLY A 42 -8.02 4.45 1.80
CA GLY A 42 -7.36 3.17 1.92
C GLY A 42 -6.64 2.98 3.25
N GLY A 43 -7.24 3.48 4.33
CA GLY A 43 -6.63 3.34 5.63
C GLY A 43 -7.63 2.94 6.68
N ASP A 44 -7.60 3.65 7.80
CA ASP A 44 -8.52 3.38 8.90
C ASP A 44 -9.41 4.59 9.14
N PRO A 45 -10.74 4.37 9.11
CA PRO A 45 -11.72 5.43 9.37
C PRO A 45 -11.72 5.86 10.84
N LEU A 46 -11.85 4.88 11.71
CA LEU A 46 -11.80 5.07 13.14
C LEU A 46 -10.41 5.47 13.64
N VAL A 47 -9.42 5.39 12.76
CA VAL A 47 -8.06 5.74 13.13
C VAL A 47 -7.43 6.54 12.00
N PRO A 48 -7.63 7.86 12.02
CA PRO A 48 -7.11 8.75 10.97
C PRO A 48 -5.61 8.60 10.79
N ILE A 49 -5.19 8.43 9.55
CA ILE A 49 -3.78 8.26 9.22
C ILE A 49 -3.00 9.50 9.62
N ASP A 50 -2.01 9.32 10.47
CA ASP A 50 -1.24 10.44 10.98
C ASP A 50 -0.38 11.04 9.88
N GLU A 51 -0.39 12.35 9.79
CA GLU A 51 0.24 13.03 8.68
C GLU A 51 1.71 13.35 8.96
N THR A 52 2.18 13.01 10.16
CA THR A 52 3.56 13.27 10.52
C THR A 52 4.35 11.97 10.70
N VAL A 53 3.68 10.83 10.58
CA VAL A 53 4.36 9.54 10.69
C VAL A 53 5.02 9.18 9.37
N GLU A 54 5.59 7.98 9.30
CA GLU A 54 6.26 7.52 8.09
C GLU A 54 5.34 6.64 7.24
N PRO A 55 4.90 7.17 6.10
CA PRO A 55 4.28 6.39 5.05
C PRO A 55 5.28 6.08 3.94
N THR A 56 5.66 4.83 3.82
CA THR A 56 6.66 4.40 2.85
C THR A 56 6.33 3.01 2.31
N PHE A 57 7.19 2.51 1.44
CA PHE A 57 7.12 1.12 1.04
C PHE A 57 8.21 0.36 1.76
N GLU A 58 7.93 -0.91 2.05
CA GLU A 58 8.80 -1.73 2.89
C GLU A 58 10.20 -1.88 2.27
N ASP A 59 10.28 -1.70 0.97
CA ASP A 59 11.57 -1.77 0.26
C ASP A 59 12.26 -0.41 0.28
N GLY A 60 11.60 0.60 0.85
CA GLY A 60 12.18 1.91 0.95
C GLY A 60 11.88 2.80 -0.24
N SER A 61 10.72 2.58 -0.86
CA SER A 61 10.35 3.36 -2.05
C SER A 61 9.18 4.30 -1.75
N LYS A 62 8.77 5.08 -2.75
CA LYS A 62 7.68 6.03 -2.59
C LYS A 62 6.57 5.79 -3.63
N GLU A 63 6.82 4.86 -4.54
CA GLU A 63 5.80 4.36 -5.45
C GLU A 63 6.23 3.01 -6.00
N LYS A 64 5.31 2.07 -5.96
CA LYS A 64 5.55 0.78 -6.56
C LYS A 64 4.53 0.51 -7.65
N THR A 65 4.94 0.70 -8.88
CA THR A 65 4.10 0.34 -10.00
C THR A 65 4.49 -1.01 -10.54
N ILE A 66 3.62 -1.96 -10.37
CA ILE A 66 3.81 -3.29 -10.91
C ILE A 66 2.79 -3.51 -12.03
N PRO A 67 3.28 -3.71 -13.27
CA PRO A 67 2.42 -3.83 -14.46
C PRO A 67 1.24 -4.76 -14.27
N GLY A 68 0.05 -4.17 -14.28
CA GLY A 68 -1.18 -4.95 -14.17
C GLY A 68 -1.59 -5.18 -12.73
N GLN A 69 -0.71 -4.86 -11.81
CA GLN A 69 -0.93 -5.15 -10.40
C GLN A 69 -1.37 -3.88 -9.68
N GLY A 70 -0.89 -2.74 -10.14
CA GLY A 70 -1.35 -1.48 -9.62
C GLY A 70 -0.23 -0.54 -9.26
N THR A 71 -0.59 0.55 -8.59
CA THR A 71 0.36 1.53 -8.12
C THR A 71 -0.11 2.09 -6.79
N TYR A 72 0.82 2.21 -5.88
CA TYR A 72 0.55 2.84 -4.61
C TYR A 72 1.43 4.08 -4.51
N THR A 73 0.84 5.22 -4.25
CA THR A 73 1.58 6.46 -4.23
C THR A 73 1.52 7.15 -2.88
N ILE A 74 2.69 7.47 -2.35
CA ILE A 74 2.76 8.21 -1.11
C ILE A 74 3.23 9.63 -1.37
N VAL A 75 2.57 10.59 -0.76
CA VAL A 75 2.99 11.97 -0.83
C VAL A 75 3.26 12.51 0.58
N PRO A 76 4.19 13.48 0.71
CA PRO A 76 4.64 14.00 2.01
C PRO A 76 3.52 14.63 2.85
N ASP A 77 2.31 14.64 2.30
CA ASP A 77 1.14 15.07 3.05
C ASP A 77 0.85 14.09 4.18
N GLY A 78 1.39 12.88 4.04
CA GLY A 78 1.18 11.85 5.04
C GLY A 78 0.10 10.89 4.61
N THR A 79 -0.23 10.95 3.33
CA THR A 79 -1.28 10.13 2.78
C THR A 79 -0.73 9.23 1.67
N VAL A 80 -1.31 8.04 1.55
CA VAL A 80 -0.90 7.08 0.54
C VAL A 80 -2.14 6.53 -0.15
N THR A 81 -2.06 6.38 -1.45
CA THR A 81 -3.16 5.85 -2.22
C THR A 81 -2.95 4.36 -2.49
N PHE A 82 -3.76 3.53 -1.85
CA PHE A 82 -3.67 2.09 -2.04
C PHE A 82 -4.52 1.67 -3.24
N THR A 83 -3.88 1.49 -4.40
CA THR A 83 -4.59 1.05 -5.60
C THR A 83 -4.20 -0.39 -5.94
N PRO A 84 -5.06 -1.34 -5.57
CA PRO A 84 -4.78 -2.78 -5.72
C PRO A 84 -5.21 -3.35 -7.07
N ASP A 85 -4.66 -4.52 -7.39
CA ASP A 85 -5.00 -5.29 -8.59
C ASP A 85 -6.40 -5.93 -8.49
N LYS A 86 -7.38 -5.14 -8.08
CA LYS A 86 -8.72 -5.66 -7.86
C LYS A 86 -9.41 -6.03 -9.18
N GLN A 87 -8.78 -5.65 -10.28
CA GLN A 87 -9.31 -5.96 -11.60
C GLN A 87 -8.33 -6.86 -12.37
N PHE A 88 -7.50 -7.60 -11.63
CA PHE A 88 -6.44 -8.38 -12.25
C PHE A 88 -6.67 -9.88 -12.08
N VAL A 89 -6.33 -10.64 -13.11
CA VAL A 89 -6.43 -12.10 -13.08
C VAL A 89 -5.13 -12.72 -13.61
N GLY A 90 -4.32 -13.24 -12.70
CA GLY A 90 -3.07 -13.86 -13.06
C GLY A 90 -2.22 -14.16 -11.84
N LYS A 91 -1.26 -13.30 -11.56
CA LYS A 91 -0.50 -13.35 -10.31
C LYS A 91 0.28 -12.06 -10.13
N PRO A 92 0.02 -11.34 -9.03
CA PRO A 92 0.71 -10.09 -8.71
C PRO A 92 2.09 -10.33 -8.14
N ASP A 93 3.01 -9.41 -8.43
CA ASP A 93 4.37 -9.51 -7.93
C ASP A 93 4.44 -9.01 -6.49
N PRO A 94 5.33 -9.61 -5.66
CA PRO A 94 5.38 -9.36 -4.22
C PRO A 94 5.84 -7.95 -3.85
N VAL A 95 5.06 -7.30 -3.00
CA VAL A 95 5.36 -5.97 -2.51
C VAL A 95 4.62 -5.74 -1.20
N THR A 96 5.08 -4.78 -0.42
CA THR A 96 4.42 -4.43 0.83
C THR A 96 4.44 -2.92 1.04
N VAL A 97 3.26 -2.34 1.18
CA VAL A 97 3.13 -0.92 1.43
C VAL A 97 3.08 -0.68 2.94
N LYS A 98 3.84 0.28 3.43
CA LYS A 98 4.02 0.44 4.87
C LYS A 98 3.68 1.86 5.32
N ARG A 99 2.58 2.02 6.04
CA ARG A 99 2.32 3.28 6.72
C ARG A 99 1.58 3.04 8.01
N VAL A 100 2.00 3.71 9.08
CA VAL A 100 1.37 3.53 10.37
C VAL A 100 0.38 4.64 10.64
N ASP A 101 -0.60 4.35 11.49
CA ASP A 101 -1.60 5.34 11.87
C ASP A 101 -1.21 6.03 13.18
N LYS A 102 -2.12 6.80 13.75
CA LYS A 102 -1.84 7.52 14.99
C LYS A 102 -1.59 6.58 16.18
N ASN A 103 -2.09 5.35 16.07
CA ASN A 103 -1.92 4.38 17.14
C ASN A 103 -0.65 3.57 16.92
N GLY A 104 -0.17 3.59 15.70
CA GLY A 104 1.04 2.87 15.36
C GLY A 104 0.74 1.58 14.62
N THR A 105 -0.48 1.46 14.13
CA THR A 105 -0.88 0.27 13.38
C THR A 105 -0.63 0.48 11.88
N PRO A 106 0.21 -0.37 11.28
CA PRO A 106 0.53 -0.27 9.86
C PRO A 106 -0.61 -0.72 8.96
N VAL A 107 -1.26 0.24 8.31
CA VAL A 107 -2.14 -0.06 7.19
C VAL A 107 -1.28 -0.37 5.99
N THR A 108 -1.28 -1.63 5.61
CA THR A 108 -0.36 -2.12 4.60
C THR A 108 -1.12 -2.82 3.49
N ALA A 109 -0.39 -3.29 2.51
CA ALA A 109 -0.95 -4.15 1.50
C ALA A 109 -0.09 -5.39 1.38
N THR A 110 -0.73 -6.54 1.49
CA THR A 110 -0.04 -7.81 1.45
C THR A 110 0.00 -8.35 0.03
N TYR A 111 1.13 -8.19 -0.62
CA TYR A 111 1.24 -8.57 -2.00
C TYR A 111 2.30 -9.62 -2.23
N SER A 112 1.86 -10.73 -2.80
CA SER A 112 2.71 -11.88 -3.06
C SER A 112 2.15 -12.64 -4.27
N PRO A 113 2.99 -13.43 -4.95
CA PRO A 113 2.56 -14.20 -6.13
C PRO A 113 1.66 -15.38 -5.79
N GLU A 114 1.21 -15.42 -4.54
CA GLU A 114 0.30 -16.45 -4.09
C GLU A 114 -1.11 -16.12 -4.54
N PHE A 115 -1.37 -14.83 -4.72
CA PHE A 115 -2.65 -14.36 -5.22
C PHE A 115 -2.71 -14.60 -6.72
N THR A 116 -3.92 -14.74 -7.24
CA THR A 116 -4.10 -15.03 -8.66
C THR A 116 -5.19 -14.15 -9.25
N LYS A 117 -6.43 -14.47 -8.92
CA LYS A 117 -7.58 -13.73 -9.39
C LYS A 117 -8.36 -13.16 -8.22
N VAL A 118 -9.27 -12.24 -8.50
CA VAL A 118 -10.07 -11.63 -7.46
C VAL A 118 -11.40 -12.36 -7.34
N GLN A 41 -9.38 6.39 2.13
CA GLN A 41 -8.57 6.22 3.36
C GLN A 41 -7.47 5.20 3.13
N GLY A 42 -7.84 3.94 2.95
CA GLY A 42 -6.85 2.90 2.74
C GLY A 42 -6.11 2.55 4.02
N GLY A 43 -6.87 2.44 5.09
CA GLY A 43 -6.29 2.15 6.39
C GLY A 43 -7.38 1.90 7.41
N ASP A 44 -7.66 2.90 8.23
CA ASP A 44 -8.73 2.81 9.19
C ASP A 44 -9.70 3.97 9.02
N PRO A 45 -10.98 3.66 8.80
CA PRO A 45 -12.02 4.69 8.62
C PRO A 45 -12.29 5.47 9.89
N LEU A 46 -11.93 4.90 11.04
CA LEU A 46 -12.15 5.56 12.32
C LEU A 46 -10.86 6.20 12.81
N VAL A 47 -9.73 5.65 12.37
CA VAL A 47 -8.42 6.19 12.74
C VAL A 47 -7.71 6.68 11.49
N PRO A 48 -8.01 7.91 11.04
CA PRO A 48 -7.37 8.49 9.85
C PRO A 48 -5.85 8.46 9.98
N ILE A 49 -5.22 7.79 9.03
CA ILE A 49 -3.76 7.68 9.00
C ILE A 49 -3.11 9.04 9.14
N ASP A 50 -2.14 9.12 10.03
CA ASP A 50 -1.47 10.38 10.34
C ASP A 50 -0.61 10.83 9.16
N GLU A 51 -0.68 12.11 8.83
CA GLU A 51 -0.03 12.64 7.64
C GLU A 51 1.31 13.29 7.97
N THR A 52 1.71 13.22 9.23
CA THR A 52 3.03 13.68 9.64
C THR A 52 3.87 12.46 10.03
N VAL A 53 3.26 11.31 9.84
CA VAL A 53 3.85 10.03 10.16
C VAL A 53 4.58 9.48 8.93
N GLU A 54 5.44 8.46 9.15
CA GLU A 54 6.15 7.81 8.05
C GLU A 54 5.24 6.81 7.32
N PRO A 55 4.86 7.13 6.08
CA PRO A 55 4.24 6.19 5.18
C PRO A 55 5.24 5.71 4.12
N THR A 56 5.67 4.47 4.21
CA THR A 56 6.65 3.94 3.28
C THR A 56 6.25 2.56 2.78
N PHE A 57 7.01 2.04 1.85
CA PHE A 57 6.87 0.67 1.44
C PHE A 57 7.96 -0.13 2.11
N GLU A 58 7.71 -1.41 2.37
CA GLU A 58 8.61 -2.25 3.18
C GLU A 58 10.07 -2.08 2.77
N ASP A 59 10.33 -2.02 1.48
CA ASP A 59 11.69 -1.97 0.96
C ASP A 59 12.20 -0.53 0.83
N GLY A 60 11.52 0.41 1.48
CA GLY A 60 11.94 1.79 1.42
C GLY A 60 11.58 2.45 0.10
N SER A 61 10.50 2.00 -0.51
CA SER A 61 10.05 2.56 -1.78
C SER A 61 8.85 3.49 -1.55
N LYS A 62 8.49 4.28 -2.58
CA LYS A 62 7.42 5.26 -2.44
C LYS A 62 6.29 5.03 -3.47
N GLU A 63 6.54 4.17 -4.44
CA GLU A 63 5.52 3.83 -5.42
C GLU A 63 5.85 2.50 -6.07
N LYS A 64 4.87 1.61 -6.06
CA LYS A 64 5.04 0.30 -6.66
C LYS A 64 3.97 0.10 -7.73
N THR A 65 4.34 0.30 -8.98
CA THR A 65 3.42 0.13 -10.08
C THR A 65 3.74 -1.11 -10.90
N ILE A 66 2.75 -1.96 -11.08
CA ILE A 66 2.87 -3.09 -11.99
C ILE A 66 1.64 -3.12 -12.90
N PRO A 67 1.84 -3.26 -14.23
CA PRO A 67 0.73 -3.33 -15.18
C PRO A 67 -0.29 -4.41 -14.81
N GLY A 68 -1.46 -3.97 -14.37
CA GLY A 68 -2.51 -4.90 -13.97
C GLY A 68 -2.57 -5.08 -12.47
N GLN A 69 -1.65 -4.46 -11.76
CA GLN A 69 -1.59 -4.55 -10.30
C GLN A 69 -2.05 -3.24 -9.67
N GLY A 70 -1.81 -2.16 -10.39
CA GLY A 70 -2.19 -0.85 -9.90
C GLY A 70 -1.00 -0.07 -9.39
N THR A 71 -1.25 0.97 -8.61
CA THR A 71 -0.19 1.76 -8.03
C THR A 71 -0.52 2.14 -6.60
N TYR A 72 0.46 1.99 -5.73
CA TYR A 72 0.35 2.48 -4.38
C TYR A 72 1.18 3.76 -4.30
N THR A 73 0.52 4.89 -4.14
CA THR A 73 1.21 6.17 -4.23
C THR A 73 1.34 6.85 -2.88
N ILE A 74 2.56 7.16 -2.49
CA ILE A 74 2.80 8.00 -1.33
C ILE A 74 3.68 9.18 -1.72
N VAL A 75 3.26 10.37 -1.33
CA VAL A 75 4.05 11.56 -1.52
C VAL A 75 4.31 12.24 -0.17
N PRO A 76 5.46 12.95 -0.05
CA PRO A 76 5.94 13.52 1.21
C PRO A 76 4.97 14.51 1.87
N ASP A 77 3.88 14.79 1.20
CA ASP A 77 2.84 15.66 1.74
C ASP A 77 2.13 14.96 2.90
N GLY A 78 2.36 13.66 3.00
CA GLY A 78 1.75 12.88 4.06
C GLY A 78 0.52 12.15 3.58
N THR A 79 0.29 12.20 2.28
CA THR A 79 -0.88 11.59 1.70
C THR A 79 -0.49 10.38 0.85
N VAL A 80 -1.15 9.26 1.11
CA VAL A 80 -0.85 8.02 0.43
C VAL A 80 -2.10 7.15 0.32
N THR A 81 -2.27 6.50 -0.82
CA THR A 81 -3.42 5.66 -1.06
C THR A 81 -3.00 4.27 -1.52
N PHE A 82 -3.54 3.25 -0.90
CA PHE A 82 -3.28 1.87 -1.30
C PHE A 82 -4.25 1.51 -2.43
N THR A 83 -3.77 1.58 -3.67
CA THR A 83 -4.65 1.36 -4.81
C THR A 83 -4.22 0.13 -5.62
N PRO A 84 -4.76 -1.04 -5.25
CA PRO A 84 -4.59 -2.27 -6.01
C PRO A 84 -5.66 -2.39 -7.09
N ASP A 85 -5.26 -2.90 -8.24
CA ASP A 85 -6.18 -3.06 -9.36
C ASP A 85 -7.34 -3.98 -8.99
N LYS A 86 -8.53 -3.59 -9.40
CA LYS A 86 -9.77 -4.29 -9.05
C LYS A 86 -9.79 -5.72 -9.59
N GLN A 87 -8.96 -5.98 -10.60
CA GLN A 87 -8.86 -7.33 -11.16
C GLN A 87 -7.58 -7.98 -10.67
N PHE A 88 -6.48 -7.23 -10.70
CA PHE A 88 -5.19 -7.70 -10.20
C PHE A 88 -4.68 -8.86 -11.05
N VAL A 89 -4.25 -8.54 -12.27
CA VAL A 89 -3.71 -9.51 -13.21
C VAL A 89 -2.59 -8.87 -14.03
N GLY A 90 -1.38 -9.39 -13.91
CA GLY A 90 -0.28 -8.86 -14.70
C GLY A 90 1.07 -9.08 -14.06
N LYS A 91 1.32 -10.32 -13.64
CA LYS A 91 2.59 -10.69 -13.01
C LYS A 91 2.89 -9.82 -11.80
N PRO A 92 2.17 -10.02 -10.69
CA PRO A 92 2.30 -9.20 -9.48
C PRO A 92 3.71 -9.21 -8.89
N ASP A 93 4.18 -8.03 -8.52
CA ASP A 93 5.50 -7.88 -7.92
C ASP A 93 5.36 -7.93 -6.40
N PRO A 94 6.19 -8.75 -5.73
CA PRO A 94 6.12 -8.94 -4.27
C PRO A 94 6.46 -7.66 -3.51
N VAL A 95 5.44 -7.04 -2.94
CA VAL A 95 5.62 -5.79 -2.22
C VAL A 95 4.72 -5.73 -0.99
N THR A 96 5.29 -5.28 0.11
CA THR A 96 4.53 -4.98 1.31
C THR A 96 4.54 -3.48 1.56
N VAL A 97 3.36 -2.90 1.62
CA VAL A 97 3.23 -1.47 1.86
C VAL A 97 3.01 -1.23 3.36
N LYS A 98 3.68 -0.24 3.95
CA LYS A 98 3.66 -0.07 5.39
C LYS A 98 3.61 1.40 5.83
N ARG A 99 2.51 1.79 6.44
CA ARG A 99 2.41 3.10 7.06
C ARG A 99 1.65 2.99 8.37
N VAL A 100 2.05 3.75 9.38
CA VAL A 100 1.41 3.62 10.69
C VAL A 100 0.36 4.71 10.88
N ASP A 101 -0.66 4.38 11.67
CA ASP A 101 -1.74 5.32 11.96
C ASP A 101 -1.39 6.18 13.17
N LYS A 102 -2.37 6.92 13.68
CA LYS A 102 -2.15 7.79 14.83
C LYS A 102 -1.81 7.00 16.09
N ASN A 103 -2.22 5.73 16.13
CA ASN A 103 -1.93 4.86 17.27
C ASN A 103 -0.53 4.27 17.14
N GLY A 104 -0.08 4.14 15.89
CA GLY A 104 1.21 3.55 15.64
C GLY A 104 1.07 2.17 15.01
N THR A 105 -0.15 1.84 14.60
CA THR A 105 -0.44 0.56 14.00
C THR A 105 -0.27 0.64 12.48
N PRO A 106 0.66 -0.16 11.91
CA PRO A 106 0.94 -0.17 10.48
C PRO A 106 -0.19 -0.81 9.66
N VAL A 107 -0.77 -0.02 8.76
CA VAL A 107 -1.69 -0.55 7.78
C VAL A 107 -0.88 -1.06 6.60
N THR A 108 -0.86 -2.37 6.47
CA THR A 108 0.03 -3.01 5.54
C THR A 108 -0.73 -3.81 4.50
N ALA A 109 -0.14 -3.91 3.33
CA ALA A 109 -0.61 -4.81 2.31
C ALA A 109 0.56 -5.64 1.83
N THR A 110 0.41 -6.95 1.87
CA THR A 110 1.49 -7.84 1.49
C THR A 110 1.11 -8.60 0.23
N TYR A 111 1.65 -8.16 -0.90
CA TYR A 111 1.27 -8.72 -2.17
C TYR A 111 2.27 -9.77 -2.65
N SER A 112 1.74 -10.95 -2.93
CA SER A 112 2.55 -12.07 -3.36
C SER A 112 2.67 -12.11 -4.89
N PRO A 113 3.79 -12.65 -5.39
CA PRO A 113 4.01 -12.80 -6.83
C PRO A 113 3.26 -14.00 -7.41
N GLU A 114 3.03 -13.97 -8.71
CA GLU A 114 2.32 -15.03 -9.41
C GLU A 114 0.92 -15.26 -8.84
N PHE A 115 -0.05 -14.51 -9.35
CA PHE A 115 -1.43 -14.69 -8.97
C PHE A 115 -2.26 -14.79 -10.24
N THR A 116 -2.81 -15.98 -10.49
CA THR A 116 -3.55 -16.25 -11.72
C THR A 116 -4.75 -15.34 -11.89
N LYS A 117 -5.20 -15.25 -13.12
CA LYS A 117 -6.29 -14.38 -13.50
C LYS A 117 -7.64 -15.05 -13.25
N VAL A 118 -7.78 -15.61 -12.07
CA VAL A 118 -8.99 -16.33 -11.68
C VAL A 118 -9.19 -17.57 -12.55
N GLN A 41 -9.02 1.92 1.21
CA GLN A 41 -7.75 2.05 0.46
C GLN A 41 -7.03 3.35 0.81
N GLY A 42 -7.79 4.32 1.31
CA GLY A 42 -7.20 5.59 1.70
C GLY A 42 -6.42 5.50 2.98
N GLY A 43 -6.76 4.54 3.81
CA GLY A 43 -6.04 4.32 5.05
C GLY A 43 -6.83 3.46 6.00
N ASP A 44 -7.26 4.04 7.10
CA ASP A 44 -8.09 3.35 8.05
C ASP A 44 -9.19 4.28 8.53
N PRO A 45 -10.46 3.88 8.34
CA PRO A 45 -11.62 4.71 8.67
C PRO A 45 -11.79 4.90 10.18
N LEU A 46 -11.16 4.03 10.96
CA LEU A 46 -11.25 4.11 12.41
C LEU A 46 -10.17 5.05 12.95
N VAL A 47 -9.02 5.07 12.29
CA VAL A 47 -7.90 5.88 12.72
C VAL A 47 -7.28 6.60 11.54
N PRO A 48 -7.82 7.79 11.20
CA PRO A 48 -7.25 8.66 10.17
C PRO A 48 -5.73 8.67 10.19
N ILE A 49 -5.13 8.26 9.07
CA ILE A 49 -3.68 8.13 8.96
C ILE A 49 -2.98 9.45 9.29
N ASP A 50 -2.08 9.40 10.26
CA ASP A 50 -1.33 10.58 10.68
C ASP A 50 -0.38 11.03 9.58
N GLU A 51 -0.34 12.32 9.34
CA GLU A 51 0.40 12.86 8.22
C GLU A 51 1.86 13.11 8.58
N THR A 52 2.20 12.95 9.85
CA THR A 52 3.56 13.23 10.30
C THR A 52 4.31 11.95 10.70
N VAL A 53 3.67 10.80 10.51
CA VAL A 53 4.34 9.52 10.75
C VAL A 53 5.08 9.07 9.49
N GLU A 54 5.63 7.87 9.52
CA GLU A 54 6.30 7.31 8.36
C GLU A 54 5.34 6.46 7.53
N PRO A 55 4.91 6.98 6.38
CA PRO A 55 4.24 6.21 5.36
C PRO A 55 5.21 5.86 4.23
N THR A 56 5.59 4.59 4.14
CA THR A 56 6.59 4.16 3.19
C THR A 56 6.19 2.83 2.55
N PHE A 57 7.01 2.38 1.62
CA PHE A 57 6.94 1.02 1.16
C PHE A 57 8.07 0.26 1.83
N GLU A 58 7.81 -0.99 2.21
CA GLU A 58 8.69 -1.75 3.09
C GLU A 58 10.11 -1.89 2.50
N ASP A 59 10.22 -1.68 1.19
CA ASP A 59 11.51 -1.78 0.51
C ASP A 59 12.12 -0.39 0.30
N GLY A 60 11.51 0.62 0.90
CA GLY A 60 12.05 1.98 0.82
C GLY A 60 11.52 2.75 -0.37
N SER A 61 10.42 2.30 -0.94
CA SER A 61 9.85 2.96 -2.12
C SER A 61 8.78 3.97 -1.72
N LYS A 62 8.38 4.81 -2.68
CA LYS A 62 7.34 5.82 -2.44
C LYS A 62 6.23 5.72 -3.50
N GLU A 63 6.53 5.06 -4.60
CA GLU A 63 5.54 4.79 -5.63
C GLU A 63 5.85 3.48 -6.33
N LYS A 64 5.19 2.42 -5.93
CA LYS A 64 5.42 1.13 -6.53
C LYS A 64 4.45 0.91 -7.68
N THR A 65 4.96 0.95 -8.89
CA THR A 65 4.15 0.64 -10.03
C THR A 65 4.55 -0.70 -10.61
N ILE A 66 3.60 -1.61 -10.59
CA ILE A 66 3.78 -2.91 -11.19
C ILE A 66 2.82 -3.02 -12.37
N PRO A 67 3.37 -3.13 -13.60
CA PRO A 67 2.58 -3.14 -14.83
C PRO A 67 1.38 -4.09 -14.79
N GLY A 68 0.18 -3.51 -14.74
CA GLY A 68 -1.03 -4.30 -14.78
C GLY A 68 -1.51 -4.69 -13.40
N GLN A 69 -0.69 -4.43 -12.39
CA GLN A 69 -1.01 -4.83 -11.03
C GLN A 69 -1.54 -3.64 -10.25
N GLY A 70 -1.07 -2.46 -10.61
CA GLY A 70 -1.54 -1.24 -9.98
C GLY A 70 -0.42 -0.37 -9.49
N THR A 71 -0.76 0.63 -8.68
CA THR A 71 0.22 1.50 -8.07
C THR A 71 -0.27 2.00 -6.72
N TYR A 72 0.58 1.86 -5.73
CA TYR A 72 0.32 2.45 -4.44
C TYR A 72 1.17 3.70 -4.36
N THR A 73 0.59 4.82 -3.97
CA THR A 73 1.30 6.08 -4.03
C THR A 73 1.29 6.79 -2.69
N ILE A 74 2.45 7.34 -2.32
CA ILE A 74 2.57 8.16 -1.14
C ILE A 74 3.28 9.46 -1.47
N VAL A 75 2.73 10.56 -1.00
CA VAL A 75 3.40 11.85 -1.11
C VAL A 75 3.70 12.37 0.30
N PRO A 76 4.79 13.14 0.46
CA PRO A 76 5.31 13.56 1.76
C PRO A 76 4.35 14.42 2.58
N ASP A 77 3.17 14.69 2.01
CA ASP A 77 2.14 15.46 2.71
C ASP A 77 1.54 14.61 3.82
N GLY A 78 1.81 13.31 3.77
CA GLY A 78 1.30 12.42 4.79
C GLY A 78 0.05 11.70 4.34
N THR A 79 -0.16 11.65 3.03
CA THR A 79 -1.33 10.99 2.48
C THR A 79 -0.89 9.84 1.55
N VAL A 80 -1.57 8.71 1.69
CA VAL A 80 -1.23 7.51 0.92
C VAL A 80 -2.50 6.85 0.39
N THR A 81 -2.41 6.20 -0.75
CA THR A 81 -3.52 5.41 -1.25
C THR A 81 -3.02 4.06 -1.76
N PHE A 82 -3.67 2.99 -1.30
CA PHE A 82 -3.36 1.66 -1.75
C PHE A 82 -4.28 1.29 -2.92
N THR A 83 -3.78 1.43 -4.16
CA THR A 83 -4.61 1.16 -5.32
C THR A 83 -4.06 -0.01 -6.16
N PRO A 84 -4.48 -1.24 -5.83
CA PRO A 84 -4.19 -2.42 -6.64
C PRO A 84 -5.29 -2.69 -7.66
N ASP A 85 -4.97 -3.47 -8.68
CA ASP A 85 -5.96 -3.86 -9.68
C ASP A 85 -6.88 -4.93 -9.09
N LYS A 86 -8.15 -4.55 -8.94
CA LYS A 86 -9.14 -5.36 -8.21
C LYS A 86 -9.07 -6.85 -8.56
N GLN A 87 -9.13 -7.16 -9.85
CA GLN A 87 -9.26 -8.55 -10.28
C GLN A 87 -8.10 -8.96 -11.18
N PHE A 88 -6.90 -8.48 -10.89
CA PHE A 88 -5.73 -8.86 -11.66
C PHE A 88 -5.25 -10.24 -11.25
N VAL A 89 -5.84 -11.26 -11.84
CA VAL A 89 -5.49 -12.63 -11.55
C VAL A 89 -4.46 -13.13 -12.55
N GLY A 90 -3.26 -13.39 -12.07
CA GLY A 90 -2.19 -13.85 -12.92
C GLY A 90 -0.90 -14.07 -12.15
N LYS A 91 0.08 -13.22 -12.39
CA LYS A 91 1.33 -13.29 -11.65
C LYS A 91 1.78 -11.88 -11.22
N PRO A 92 1.09 -11.32 -10.21
CA PRO A 92 1.44 -10.00 -9.66
C PRO A 92 2.80 -10.02 -8.98
N ASP A 93 3.52 -8.91 -9.09
CA ASP A 93 4.81 -8.80 -8.43
C ASP A 93 4.63 -8.55 -6.93
N PRO A 94 5.51 -9.13 -6.11
CA PRO A 94 5.42 -9.04 -4.65
C PRO A 94 5.98 -7.73 -4.09
N VAL A 95 5.22 -7.12 -3.20
CA VAL A 95 5.63 -5.89 -2.54
C VAL A 95 4.80 -5.66 -1.27
N THR A 96 5.42 -5.13 -0.23
CA THR A 96 4.69 -4.79 0.98
C THR A 96 4.71 -3.27 1.21
N VAL A 97 3.53 -2.71 1.38
CA VAL A 97 3.39 -1.28 1.62
C VAL A 97 3.23 -1.04 3.12
N LYS A 98 3.89 -0.01 3.66
CA LYS A 98 4.00 0.14 5.11
C LYS A 98 3.69 1.56 5.57
N ARG A 99 2.55 1.75 6.24
CA ARG A 99 2.26 3.04 6.86
C ARG A 99 1.52 2.84 8.17
N VAL A 100 1.90 3.61 9.19
CA VAL A 100 1.26 3.52 10.48
C VAL A 100 0.29 4.67 10.69
N ASP A 101 -0.67 4.47 11.59
CA ASP A 101 -1.64 5.51 11.93
C ASP A 101 -1.22 6.25 13.19
N LYS A 102 -2.13 7.03 13.75
CA LYS A 102 -1.86 7.84 14.93
C LYS A 102 -1.33 7.00 16.09
N ASN A 103 -1.92 5.83 16.32
CA ASN A 103 -1.54 5.00 17.46
C ASN A 103 -0.36 4.11 17.10
N GLY A 104 -0.21 3.82 15.82
CA GLY A 104 0.91 3.01 15.36
C GLY A 104 0.46 1.73 14.69
N THR A 105 -0.81 1.68 14.33
CA THR A 105 -1.34 0.54 13.58
C THR A 105 -0.93 0.65 12.11
N PRO A 106 -0.11 -0.29 11.62
CA PRO A 106 0.35 -0.29 10.25
C PRO A 106 -0.67 -0.90 9.29
N VAL A 107 -1.36 -0.04 8.54
CA VAL A 107 -2.15 -0.48 7.41
C VAL A 107 -1.21 -0.82 6.29
N THR A 108 -1.09 -2.11 6.03
CA THR A 108 -0.11 -2.61 5.10
C THR A 108 -0.76 -3.48 4.05
N ALA A 109 -0.12 -3.60 2.92
CA ALA A 109 -0.55 -4.53 1.90
C ALA A 109 0.63 -5.38 1.49
N THR A 110 0.46 -6.68 1.54
CA THR A 110 1.52 -7.61 1.16
C THR A 110 1.09 -8.39 -0.05
N TYR A 111 1.57 -7.96 -1.20
CA TYR A 111 1.19 -8.56 -2.45
C TYR A 111 2.22 -9.56 -2.93
N SER A 112 1.73 -10.62 -3.58
CA SER A 112 2.59 -11.69 -4.05
C SER A 112 1.93 -12.36 -5.26
N PRO A 113 2.65 -13.24 -5.99
CA PRO A 113 2.08 -13.97 -7.14
C PRO A 113 0.71 -14.58 -6.85
N GLU A 114 0.61 -15.32 -5.77
CA GLU A 114 -0.66 -15.92 -5.39
C GLU A 114 -1.27 -15.19 -4.20
N PHE A 115 -2.40 -14.55 -4.45
CA PHE A 115 -3.10 -13.81 -3.41
C PHE A 115 -4.58 -14.21 -3.40
N THR A 116 -4.87 -15.29 -4.14
CA THR A 116 -6.24 -15.78 -4.30
C THR A 116 -7.05 -14.82 -5.17
N LYS A 117 -7.95 -15.38 -5.97
CA LYS A 117 -8.71 -14.57 -6.91
C LYS A 117 -10.15 -14.41 -6.45
N VAL A 118 -10.60 -13.15 -6.41
CA VAL A 118 -11.96 -12.77 -5.97
C VAL A 118 -12.42 -13.57 -4.74
N GLN A 41 -8.15 -3.38 1.12
CA GLN A 41 -6.91 -2.86 0.48
C GLN A 41 -5.72 -2.93 1.42
N GLY A 42 -5.99 -3.21 2.70
CA GLY A 42 -4.93 -3.23 3.69
C GLY A 42 -4.66 -1.85 4.25
N GLY A 43 -5.68 -0.99 4.24
CA GLY A 43 -5.51 0.36 4.69
C GLY A 43 -6.27 0.65 5.96
N ASP A 44 -6.87 1.83 6.02
CA ASP A 44 -7.50 2.30 7.24
C ASP A 44 -8.71 3.20 6.96
N PRO A 45 -9.91 2.62 6.93
CA PRO A 45 -11.14 3.39 6.75
C PRO A 45 -11.47 4.21 7.99
N LEU A 46 -11.34 3.55 9.13
CA LEU A 46 -11.67 4.10 10.42
C LEU A 46 -10.58 4.95 11.05
N VAL A 47 -9.36 4.91 10.52
CA VAL A 47 -8.27 5.65 11.13
C VAL A 47 -7.37 6.27 10.09
N PRO A 48 -7.76 7.43 9.55
CA PRO A 48 -6.97 8.11 8.54
C PRO A 48 -5.52 8.31 9.00
N ILE A 49 -4.60 7.73 8.25
CA ILE A 49 -3.17 7.79 8.53
C ILE A 49 -2.71 9.21 8.87
N ASP A 50 -1.88 9.30 9.91
CA ASP A 50 -1.35 10.58 10.35
C ASP A 50 -0.32 11.08 9.35
N GLU A 51 -0.33 12.37 9.12
CA GLU A 51 0.49 12.95 8.07
C GLU A 51 1.91 13.29 8.55
N THR A 52 2.15 13.16 9.85
CA THR A 52 3.46 13.49 10.39
C THR A 52 4.25 12.24 10.79
N VAL A 53 3.70 11.07 10.46
CA VAL A 53 4.39 9.82 10.73
C VAL A 53 5.11 9.33 9.48
N GLU A 54 5.68 8.14 9.54
CA GLU A 54 6.37 7.56 8.38
C GLU A 54 5.46 6.60 7.62
N PRO A 55 4.95 7.04 6.46
CA PRO A 55 4.29 6.16 5.52
C PRO A 55 5.23 5.78 4.36
N THR A 56 5.65 4.53 4.34
CA THR A 56 6.63 4.07 3.35
C THR A 56 6.23 2.72 2.79
N PHE A 57 7.02 2.24 1.86
CA PHE A 57 6.91 0.86 1.40
C PHE A 57 8.00 0.06 2.08
N GLU A 58 7.74 -1.22 2.33
CA GLU A 58 8.64 -2.06 3.12
C GLU A 58 10.10 -1.92 2.65
N ASP A 59 10.28 -1.95 1.34
CA ASP A 59 11.63 -1.94 0.75
C ASP A 59 12.17 -0.52 0.63
N GLY A 60 11.53 0.43 1.29
CA GLY A 60 12.00 1.81 1.28
C GLY A 60 11.56 2.56 0.03
N SER A 61 10.46 2.13 -0.56
CA SER A 61 9.94 2.76 -1.77
C SER A 61 8.83 3.76 -1.44
N LYS A 62 8.46 4.58 -2.42
CA LYS A 62 7.43 5.61 -2.22
C LYS A 62 6.29 5.46 -3.22
N GLU A 63 6.59 4.89 -4.38
CA GLU A 63 5.56 4.54 -5.35
C GLU A 63 5.97 3.29 -6.11
N LYS A 64 5.03 2.39 -6.26
CA LYS A 64 5.28 1.18 -7.01
C LYS A 64 4.21 1.00 -8.07
N THR A 65 4.54 1.37 -9.30
CA THR A 65 3.61 1.19 -10.38
C THR A 65 4.10 0.11 -11.33
N ILE A 66 3.35 -0.97 -11.38
CA ILE A 66 3.62 -2.03 -12.33
C ILE A 66 2.39 -2.22 -13.20
N PRO A 67 2.53 -2.04 -14.53
CA PRO A 67 1.40 -2.12 -15.47
C PRO A 67 0.52 -3.35 -15.23
N GLY A 68 -0.70 -3.10 -14.78
CA GLY A 68 -1.64 -4.16 -14.53
C GLY A 68 -1.86 -4.42 -13.05
N GLN A 69 -0.97 -3.88 -12.21
CA GLN A 69 -1.07 -4.08 -10.77
C GLN A 69 -1.74 -2.89 -10.11
N GLY A 70 -1.44 -1.72 -10.62
CA GLY A 70 -1.96 -0.51 -10.03
C GLY A 70 -0.84 0.39 -9.54
N THR A 71 -1.18 1.39 -8.74
CA THR A 71 -0.17 2.22 -8.12
C THR A 71 -0.42 2.34 -6.62
N TYR A 72 0.54 1.88 -5.87
CA TYR A 72 0.58 2.15 -4.45
C TYR A 72 1.45 3.38 -4.29
N THR A 73 0.92 4.42 -3.68
CA THR A 73 1.60 5.71 -3.70
C THR A 73 1.57 6.41 -2.35
N ILE A 74 2.68 7.08 -2.04
CA ILE A 74 2.75 7.96 -0.89
C ILE A 74 3.52 9.23 -1.26
N VAL A 75 2.98 10.38 -0.91
CA VAL A 75 3.67 11.63 -1.08
C VAL A 75 3.85 12.32 0.28
N PRO A 76 4.93 13.11 0.44
CA PRO A 76 5.36 13.67 1.74
C PRO A 76 4.34 14.61 2.38
N ASP A 77 3.20 14.81 1.72
CA ASP A 77 2.11 15.58 2.28
C ASP A 77 1.50 14.83 3.46
N GLY A 78 1.76 13.53 3.50
CA GLY A 78 1.23 12.69 4.55
C GLY A 78 0.05 11.88 4.07
N THR A 79 -0.16 11.87 2.78
CA THR A 79 -1.29 11.16 2.19
C THR A 79 -0.80 9.94 1.43
N VAL A 80 -1.49 8.83 1.62
CA VAL A 80 -1.10 7.56 1.02
C VAL A 80 -2.32 6.90 0.41
N THR A 81 -2.11 6.13 -0.65
CA THR A 81 -3.18 5.41 -1.29
C THR A 81 -2.74 4.00 -1.67
N PHE A 82 -3.43 3.00 -1.11
CA PHE A 82 -3.20 1.61 -1.47
C PHE A 82 -4.19 1.23 -2.56
N THR A 83 -3.75 1.28 -3.82
CA THR A 83 -4.64 1.00 -4.95
C THR A 83 -4.15 -0.19 -5.78
N PRO A 84 -4.55 -1.41 -5.40
CA PRO A 84 -4.26 -2.62 -6.15
C PRO A 84 -5.36 -2.97 -7.15
N ASP A 85 -5.00 -3.73 -8.16
CA ASP A 85 -5.98 -4.31 -9.06
C ASP A 85 -6.86 -5.31 -8.31
N LYS A 86 -8.15 -5.25 -8.57
CA LYS A 86 -9.11 -6.10 -7.88
C LYS A 86 -9.37 -7.41 -8.64
N GLN A 87 -9.27 -7.37 -9.96
CA GLN A 87 -9.79 -8.46 -10.79
C GLN A 87 -8.72 -9.34 -11.43
N PHE A 88 -7.71 -8.71 -12.02
CA PHE A 88 -6.74 -9.41 -12.86
C PHE A 88 -6.06 -10.57 -12.12
N VAL A 89 -6.18 -11.76 -12.69
CA VAL A 89 -5.56 -12.96 -12.12
C VAL A 89 -4.10 -13.03 -12.50
N GLY A 90 -3.29 -13.51 -11.57
CA GLY A 90 -1.86 -13.44 -11.68
C GLY A 90 -1.32 -12.60 -10.55
N LYS A 91 -1.90 -11.41 -10.43
CA LYS A 91 -1.75 -10.55 -9.27
C LYS A 91 -0.34 -9.97 -9.12
N PRO A 92 -0.24 -8.86 -8.34
CA PRO A 92 0.98 -8.08 -8.17
C PRO A 92 2.26 -8.87 -7.92
N ASP A 93 3.35 -8.37 -8.47
CA ASP A 93 4.69 -8.78 -8.09
C ASP A 93 4.91 -8.35 -6.64
N PRO A 94 5.43 -9.27 -5.80
CA PRO A 94 5.52 -9.10 -4.34
C PRO A 94 6.11 -7.75 -3.90
N VAL A 95 5.26 -6.94 -3.28
CA VAL A 95 5.68 -5.68 -2.69
C VAL A 95 4.80 -5.35 -1.49
N THR A 96 5.43 -5.14 -0.35
CA THR A 96 4.73 -4.80 0.87
C THR A 96 4.81 -3.30 1.15
N VAL A 97 3.68 -2.71 1.48
CA VAL A 97 3.62 -1.30 1.82
C VAL A 97 3.35 -1.15 3.31
N LYS A 98 3.88 -0.10 3.93
CA LYS A 98 3.78 0.07 5.37
C LYS A 98 3.61 1.54 5.78
N ARG A 99 2.44 1.89 6.25
CA ARG A 99 2.19 3.22 6.79
C ARG A 99 1.50 3.10 8.14
N VAL A 100 1.93 3.87 9.12
CA VAL A 100 1.34 3.79 10.45
C VAL A 100 0.31 4.90 10.66
N ASP A 101 -0.75 4.59 11.39
CA ASP A 101 -1.82 5.55 11.65
C ASP A 101 -1.55 6.31 12.94
N LYS A 102 -2.54 7.05 13.42
CA LYS A 102 -2.41 7.85 14.62
C LYS A 102 -2.20 6.97 15.87
N ASN A 103 -2.75 5.76 15.83
CA ASN A 103 -2.51 4.79 16.91
C ASN A 103 -1.10 4.23 16.80
N GLY A 104 -0.52 4.33 15.61
CA GLY A 104 0.80 3.81 15.37
C GLY A 104 0.75 2.41 14.78
N THR A 105 -0.44 1.99 14.41
CA THR A 105 -0.62 0.67 13.82
C THR A 105 -0.27 0.70 12.34
N PRO A 106 0.71 -0.09 11.91
CA PRO A 106 1.12 -0.15 10.51
C PRO A 106 0.10 -0.87 9.63
N VAL A 107 -0.62 -0.12 8.83
CA VAL A 107 -1.49 -0.71 7.82
C VAL A 107 -0.62 -1.14 6.66
N THR A 108 -0.48 -2.44 6.53
CA THR A 108 0.45 -3.02 5.59
C THR A 108 -0.29 -3.88 4.60
N ALA A 109 0.19 -3.89 3.38
CA ALA A 109 -0.35 -4.74 2.36
C ALA A 109 0.77 -5.51 1.71
N THR A 110 0.64 -6.82 1.67
CA THR A 110 1.62 -7.66 1.02
C THR A 110 1.09 -8.05 -0.34
N TYR A 111 1.53 -7.34 -1.36
CA TYR A 111 0.97 -7.51 -2.68
C TYR A 111 1.71 -8.56 -3.46
N SER A 112 1.13 -9.73 -3.48
CA SER A 112 1.69 -10.84 -4.20
C SER A 112 0.55 -11.74 -4.71
N PRO A 113 0.85 -12.72 -5.58
CA PRO A 113 -0.14 -13.70 -6.04
C PRO A 113 -0.80 -14.43 -4.87
N GLU A 114 -1.98 -13.95 -4.49
CA GLU A 114 -2.71 -14.51 -3.36
C GLU A 114 -4.17 -14.10 -3.44
N PHE A 115 -4.40 -12.80 -3.50
CA PHE A 115 -5.73 -12.23 -3.48
C PHE A 115 -6.51 -12.56 -4.75
N THR A 116 -7.79 -12.92 -4.58
CA THR A 116 -8.73 -13.12 -5.68
C THR A 116 -8.48 -14.42 -6.44
N LYS A 117 -7.28 -14.60 -6.96
CA LYS A 117 -6.97 -15.77 -7.76
C LYS A 117 -6.84 -17.02 -6.90
N VAL A 118 -7.17 -18.16 -7.48
CA VAL A 118 -7.03 -19.44 -6.79
C VAL A 118 -5.92 -20.24 -7.44
N GLN A 41 -6.92 -4.10 5.21
CA GLN A 41 -5.64 -4.01 5.95
C GLN A 41 -4.85 -2.78 5.52
N GLY A 42 -5.30 -2.11 4.47
CA GLY A 42 -4.55 -1.01 3.91
C GLY A 42 -5.07 0.36 4.32
N GLY A 43 -6.19 0.38 5.03
CA GLY A 43 -6.78 1.63 5.44
C GLY A 43 -7.86 1.41 6.48
N ASP A 44 -7.63 1.93 7.67
CA ASP A 44 -8.61 1.82 8.74
C ASP A 44 -9.38 3.13 8.90
N PRO A 45 -10.69 3.09 8.62
CA PRO A 45 -11.56 4.27 8.71
C PRO A 45 -11.64 4.83 10.13
N LEU A 46 -11.86 3.94 11.08
CA LEU A 46 -11.90 4.26 12.49
C LEU A 46 -10.61 4.86 13.02
N VAL A 47 -9.51 4.63 12.31
CA VAL A 47 -8.22 5.14 12.75
C VAL A 47 -7.53 5.86 11.59
N PRO A 48 -7.82 7.15 11.41
CA PRO A 48 -7.25 7.94 10.31
C PRO A 48 -5.74 7.97 10.35
N ILE A 49 -5.11 7.59 9.24
CA ILE A 49 -3.66 7.57 9.13
C ILE A 49 -3.08 8.96 9.38
N ASP A 50 -2.06 9.03 10.21
CA ASP A 50 -1.48 10.31 10.59
C ASP A 50 -0.58 10.84 9.48
N GLU A 51 -0.67 12.13 9.23
CA GLU A 51 0.00 12.73 8.09
C GLU A 51 1.38 13.28 8.47
N THR A 52 1.76 13.15 9.75
CA THR A 52 3.07 13.61 10.18
C THR A 52 3.98 12.43 10.50
N VAL A 53 3.46 11.22 10.36
CA VAL A 53 4.25 10.02 10.60
C VAL A 53 4.94 9.57 9.33
N GLU A 54 5.62 8.44 9.38
CA GLU A 54 6.30 7.90 8.20
C GLU A 54 5.43 6.91 7.45
N PRO A 55 4.98 7.28 6.26
CA PRO A 55 4.37 6.36 5.33
C PRO A 55 5.36 5.93 4.23
N THR A 56 5.82 4.69 4.31
CA THR A 56 6.81 4.18 3.38
C THR A 56 6.56 2.71 3.10
N PHE A 57 6.84 2.27 1.89
CA PHE A 57 6.69 0.87 1.54
C PHE A 57 7.79 0.10 2.24
N GLU A 58 7.54 -1.15 2.62
CA GLU A 58 8.48 -1.88 3.47
C GLU A 58 9.89 -1.88 2.86
N ASP A 59 9.96 -1.96 1.53
CA ASP A 59 11.22 -1.97 0.80
C ASP A 59 11.94 -0.61 0.89
N GLY A 60 11.23 0.40 1.38
CA GLY A 60 11.79 1.73 1.42
C GLY A 60 11.47 2.53 0.17
N SER A 61 10.34 2.24 -0.44
CA SER A 61 9.93 2.90 -1.68
C SER A 61 8.74 3.82 -1.42
N LYS A 62 8.52 4.75 -2.36
CA LYS A 62 7.42 5.71 -2.26
C LYS A 62 6.36 5.43 -3.32
N GLU A 63 6.75 4.74 -4.38
CA GLU A 63 5.81 4.34 -5.42
C GLU A 63 6.23 3.02 -6.00
N LYS A 64 5.24 2.20 -6.31
CA LYS A 64 5.50 0.91 -6.92
C LYS A 64 4.41 0.65 -7.97
N THR A 65 4.84 0.49 -9.22
CA THR A 65 3.90 0.22 -10.30
C THR A 65 4.26 -1.06 -11.03
N ILE A 66 3.29 -1.95 -11.10
CA ILE A 66 3.42 -3.15 -11.89
C ILE A 66 2.24 -3.22 -12.85
N PRO A 67 2.52 -3.26 -14.17
CA PRO A 67 1.49 -3.27 -15.21
C PRO A 67 0.37 -4.27 -14.94
N GLY A 68 -0.81 -3.76 -14.63
CA GLY A 68 -1.95 -4.60 -14.38
C GLY A 68 -2.24 -4.77 -12.90
N GLN A 69 -1.23 -4.54 -12.06
CA GLN A 69 -1.37 -4.76 -10.62
C GLN A 69 -1.80 -3.48 -9.92
N GLY A 70 -1.37 -2.35 -10.45
CA GLY A 70 -1.75 -1.07 -9.90
C GLY A 70 -0.56 -0.28 -9.40
N THR A 71 -0.83 0.89 -8.85
CA THR A 71 0.22 1.72 -8.26
C THR A 71 -0.16 2.11 -6.85
N TYR A 72 0.83 2.14 -5.99
CA TYR A 72 0.65 2.64 -4.64
C TYR A 72 1.48 3.90 -4.51
N THR A 73 0.85 5.01 -4.16
CA THR A 73 1.55 6.29 -4.15
C THR A 73 1.51 6.96 -2.78
N ILE A 74 2.67 7.38 -2.30
CA ILE A 74 2.75 8.21 -1.11
C ILE A 74 3.45 9.51 -1.44
N VAL A 75 2.83 10.61 -1.06
CA VAL A 75 3.43 11.92 -1.21
C VAL A 75 3.80 12.48 0.16
N PRO A 76 4.88 13.29 0.22
CA PRO A 76 5.45 13.79 1.48
C PRO A 76 4.49 14.64 2.30
N ASP A 77 3.27 14.83 1.80
CA ASP A 77 2.23 15.54 2.53
C ASP A 77 1.76 14.69 3.71
N GLY A 78 2.14 13.41 3.69
CA GLY A 78 1.77 12.51 4.75
C GLY A 78 0.54 11.72 4.39
N THR A 79 0.18 11.75 3.12
CA THR A 79 -1.02 11.08 2.66
C THR A 79 -0.67 10.03 1.61
N VAL A 80 -1.32 8.88 1.69
CA VAL A 80 -1.03 7.75 0.83
C VAL A 80 -2.32 7.15 0.30
N THR A 81 -2.25 6.53 -0.86
CA THR A 81 -3.36 5.76 -1.36
C THR A 81 -2.89 4.39 -1.83
N PHE A 82 -3.45 3.34 -1.26
CA PHE A 82 -3.16 1.99 -1.67
C PHE A 82 -4.15 1.60 -2.76
N THR A 83 -3.74 1.71 -4.02
CA THR A 83 -4.63 1.44 -5.13
C THR A 83 -4.21 0.21 -5.92
N PRO A 84 -4.71 -0.96 -5.51
CA PRO A 84 -4.49 -2.22 -6.22
C PRO A 84 -5.57 -2.47 -7.26
N ASP A 85 -5.21 -3.14 -8.34
CA ASP A 85 -6.17 -3.44 -9.39
C ASP A 85 -7.04 -4.62 -8.99
N LYS A 86 -8.35 -4.42 -9.04
CA LYS A 86 -9.29 -5.43 -8.56
C LYS A 86 -9.59 -6.49 -9.61
N GLN A 87 -9.15 -6.26 -10.84
CA GLN A 87 -9.49 -7.17 -11.93
C GLN A 87 -8.24 -7.85 -12.48
N PHE A 88 -7.14 -7.74 -11.75
CA PHE A 88 -5.89 -8.33 -12.19
C PHE A 88 -5.86 -9.82 -11.93
N VAL A 89 -5.89 -10.59 -13.01
CA VAL A 89 -5.77 -12.04 -12.92
C VAL A 89 -4.44 -12.46 -13.54
N GLY A 90 -3.45 -12.69 -12.70
CA GLY A 90 -2.13 -13.08 -13.17
C GLY A 90 -1.17 -13.31 -12.03
N LYS A 91 0.08 -12.94 -12.21
CA LYS A 91 1.09 -13.10 -11.17
C LYS A 91 1.58 -11.75 -10.64
N PRO A 92 1.08 -11.35 -9.47
CA PRO A 92 1.55 -10.13 -8.80
C PRO A 92 2.95 -10.32 -8.23
N ASP A 93 3.74 -9.26 -8.21
CA ASP A 93 5.09 -9.34 -7.70
C ASP A 93 5.12 -8.90 -6.23
N PRO A 94 5.77 -9.69 -5.37
CA PRO A 94 5.79 -9.48 -3.92
C PRO A 94 6.30 -8.10 -3.49
N VAL A 95 5.39 -7.31 -2.94
CA VAL A 95 5.74 -6.01 -2.37
C VAL A 95 4.83 -5.72 -1.18
N THR A 96 5.39 -5.12 -0.15
CA THR A 96 4.62 -4.77 1.03
C THR A 96 4.57 -3.26 1.20
N VAL A 97 3.39 -2.70 1.06
CA VAL A 97 3.19 -1.27 1.19
C VAL A 97 2.82 -0.95 2.64
N LYS A 98 3.47 0.06 3.23
CA LYS A 98 3.33 0.29 4.66
C LYS A 98 3.09 1.79 4.97
N ARG A 99 2.29 2.03 6.00
CA ARG A 99 2.13 3.37 6.58
C ARG A 99 1.47 3.24 7.94
N VAL A 100 1.95 3.98 8.93
CA VAL A 100 1.41 3.85 10.28
C VAL A 100 0.36 4.92 10.58
N ASP A 101 -0.59 4.56 11.43
CA ASP A 101 -1.68 5.46 11.80
C ASP A 101 -1.31 6.29 13.02
N LYS A 102 -2.29 6.98 13.60
CA LYS A 102 -2.04 7.86 14.73
C LYS A 102 -1.56 7.10 15.98
N ASN A 103 -2.04 5.88 16.19
CA ASN A 103 -1.55 5.11 17.34
C ASN A 103 -0.26 4.38 16.99
N GLY A 104 -0.06 4.15 15.70
CA GLY A 104 1.19 3.59 15.23
C GLY A 104 1.03 2.23 14.58
N THR A 105 -0.22 1.86 14.28
CA THR A 105 -0.46 0.59 13.61
C THR A 105 -0.28 0.76 12.10
N PRO A 106 0.57 -0.06 11.47
CA PRO A 106 0.83 0.04 10.04
C PRO A 106 -0.24 -0.66 9.20
N VAL A 107 -1.01 0.14 8.47
CA VAL A 107 -1.87 -0.40 7.42
C VAL A 107 -1.00 -0.75 6.23
N THR A 108 -1.13 -1.97 5.77
CA THR A 108 -0.23 -2.49 4.77
C THR A 108 -0.99 -3.15 3.64
N ALA A 109 -0.29 -3.41 2.56
CA ALA A 109 -0.80 -4.22 1.50
C ALA A 109 0.23 -5.30 1.21
N THR A 110 -0.22 -6.55 1.23
CA THR A 110 0.69 -7.66 1.13
C THR A 110 0.54 -8.37 -0.20
N TYR A 111 1.44 -8.06 -1.13
CA TYR A 111 1.39 -8.67 -2.44
C TYR A 111 2.46 -9.73 -2.60
N SER A 112 2.17 -10.70 -3.45
CA SER A 112 3.00 -11.87 -3.64
C SER A 112 2.50 -12.61 -4.88
N PRO A 113 3.23 -13.64 -5.36
CA PRO A 113 2.80 -14.45 -6.51
C PRO A 113 1.61 -15.35 -6.17
N GLU A 114 0.57 -14.73 -5.64
CA GLU A 114 -0.66 -15.42 -5.27
C GLU A 114 -1.82 -14.75 -5.98
N PHE A 115 -2.98 -14.71 -5.31
CA PHE A 115 -4.16 -14.01 -5.80
C PHE A 115 -4.61 -14.55 -7.16
N THR A 116 -5.37 -15.63 -7.12
CA THR A 116 -5.91 -16.22 -8.33
C THR A 116 -6.72 -15.19 -9.11
N LYS A 117 -7.68 -14.59 -8.42
CA LYS A 117 -8.48 -13.50 -8.95
C LYS A 117 -9.31 -12.89 -7.83
N VAL A 118 -9.65 -11.62 -7.97
CA VAL A 118 -10.42 -10.92 -6.95
C VAL A 118 -11.91 -11.08 -7.23
N GLN A 41 -8.38 5.89 -0.73
CA GLN A 41 -7.86 5.74 0.64
C GLN A 41 -6.53 5.00 0.63
N GLY A 42 -5.71 5.23 1.64
CA GLY A 42 -4.42 4.58 1.72
C GLY A 42 -4.12 4.08 3.11
N GLY A 43 -5.07 3.38 3.69
CA GLY A 43 -4.91 2.87 5.03
C GLY A 43 -6.23 2.49 5.65
N ASP A 44 -6.73 3.34 6.53
CA ASP A 44 -7.99 3.10 7.22
C ASP A 44 -8.85 4.35 7.25
N PRO A 45 -10.13 4.23 6.88
CA PRO A 45 -11.08 5.34 6.91
C PRO A 45 -11.34 5.84 8.33
N LEU A 46 -11.77 4.92 9.19
CA LEU A 46 -12.02 5.19 10.59
C LEU A 46 -10.75 5.59 11.36
N VAL A 47 -9.60 5.39 10.75
CA VAL A 47 -8.34 5.72 11.38
C VAL A 47 -7.42 6.42 10.38
N PRO A 48 -7.56 7.75 10.27
CA PRO A 48 -6.79 8.53 9.30
C PRO A 48 -5.28 8.37 9.49
N ILE A 49 -4.58 8.25 8.38
CA ILE A 49 -3.13 8.07 8.40
C ILE A 49 -2.46 9.32 8.95
N ASP A 50 -1.48 9.11 9.82
CA ASP A 50 -0.82 10.23 10.49
C ASP A 50 0.26 10.83 9.60
N GLU A 51 0.26 12.15 9.53
CA GLU A 51 1.16 12.86 8.63
C GLU A 51 2.52 13.12 9.28
N THR A 52 2.63 12.84 10.57
CA THR A 52 3.89 13.09 11.28
C THR A 52 4.65 11.80 11.53
N VAL A 53 4.17 10.70 10.96
CA VAL A 53 4.88 9.43 11.02
C VAL A 53 5.42 9.08 9.64
N GLU A 54 6.05 7.93 9.52
CA GLU A 54 6.61 7.50 8.25
C GLU A 54 5.63 6.61 7.48
N PRO A 55 5.09 7.11 6.37
CA PRO A 55 4.34 6.31 5.44
C PRO A 55 5.17 5.95 4.22
N THR A 56 5.58 4.69 4.13
CA THR A 56 6.44 4.25 3.04
C THR A 56 6.06 2.84 2.60
N PHE A 57 6.81 2.31 1.64
CA PHE A 57 6.70 0.92 1.28
C PHE A 57 7.85 0.16 1.91
N GLU A 58 7.77 -1.16 1.95
CA GLU A 58 8.75 -1.96 2.68
C GLU A 58 10.19 -1.63 2.23
N ASP A 59 10.36 -1.30 0.95
CA ASP A 59 11.67 -0.95 0.41
C ASP A 59 11.98 0.54 0.59
N GLY A 60 11.19 1.22 1.41
CA GLY A 60 11.38 2.64 1.61
C GLY A 60 10.87 3.46 0.45
N SER A 61 10.03 2.84 -0.37
CA SER A 61 9.57 3.45 -1.61
C SER A 61 8.47 4.47 -1.34
N LYS A 62 8.21 5.33 -2.34
CA LYS A 62 7.16 6.34 -2.24
C LYS A 62 6.06 6.06 -3.27
N GLU A 63 6.38 5.25 -4.27
CA GLU A 63 5.40 4.77 -5.24
C GLU A 63 5.80 3.39 -5.70
N LYS A 64 4.82 2.52 -5.87
CA LYS A 64 5.06 1.20 -6.40
C LYS A 64 4.14 0.94 -7.57
N THR A 65 4.70 0.77 -8.75
CA THR A 65 3.91 0.44 -9.90
C THR A 65 4.22 -0.96 -10.40
N ILE A 66 3.17 -1.70 -10.67
CA ILE A 66 3.28 -3.04 -11.19
C ILE A 66 2.28 -3.22 -12.33
N PRO A 67 2.78 -3.55 -13.54
CA PRO A 67 1.95 -3.65 -14.74
C PRO A 67 0.71 -4.53 -14.55
N GLY A 68 -0.45 -3.89 -14.52
CA GLY A 68 -1.69 -4.61 -14.41
C GLY A 68 -2.18 -4.73 -12.98
N GLN A 69 -1.33 -4.37 -12.04
CA GLN A 69 -1.67 -4.51 -10.63
C GLN A 69 -2.02 -3.16 -10.04
N GLY A 70 -1.48 -2.11 -10.65
CA GLY A 70 -1.82 -0.76 -10.25
C GLY A 70 -0.65 -0.02 -9.66
N THR A 71 -0.95 0.98 -8.85
CA THR A 71 0.07 1.75 -8.16
C THR A 71 -0.39 2.17 -6.78
N TYR A 72 0.50 2.04 -5.83
CA TYR A 72 0.28 2.55 -4.50
C TYR A 72 1.18 3.76 -4.33
N THR A 73 0.62 4.89 -3.95
CA THR A 73 1.38 6.13 -3.92
C THR A 73 1.27 6.85 -2.59
N ILE A 74 2.36 7.52 -2.23
CA ILE A 74 2.39 8.39 -1.07
C ILE A 74 3.22 9.63 -1.37
N VAL A 75 2.63 10.79 -1.14
CA VAL A 75 3.37 12.03 -1.27
C VAL A 75 3.74 12.55 0.12
N PRO A 76 4.89 13.24 0.25
CA PRO A 76 5.48 13.63 1.54
C PRO A 76 4.59 14.56 2.37
N ASP A 77 3.41 14.90 1.86
CA ASP A 77 2.47 15.69 2.63
C ASP A 77 1.87 14.84 3.74
N GLY A 78 1.95 13.53 3.58
CA GLY A 78 1.44 12.62 4.58
C GLY A 78 0.14 11.97 4.15
N THR A 79 -0.14 12.02 2.86
CA THR A 79 -1.37 11.44 2.32
C THR A 79 -1.06 10.23 1.45
N VAL A 80 -1.82 9.16 1.62
CA VAL A 80 -1.54 7.90 0.97
C VAL A 80 -2.78 7.35 0.28
N THR A 81 -2.57 6.58 -0.78
CA THR A 81 -3.66 5.88 -1.44
C THR A 81 -3.20 4.48 -1.88
N PHE A 82 -3.92 3.47 -1.42
CA PHE A 82 -3.64 2.09 -1.80
C PHE A 82 -4.61 1.70 -2.91
N THR A 83 -4.17 1.74 -4.16
CA THR A 83 -5.04 1.38 -5.27
C THR A 83 -4.54 0.16 -6.01
N PRO A 84 -4.93 -1.04 -5.54
CA PRO A 84 -4.65 -2.30 -6.22
C PRO A 84 -5.77 -2.71 -7.17
N ASP A 85 -5.41 -3.30 -8.29
CA ASP A 85 -6.41 -3.86 -9.18
C ASP A 85 -6.69 -5.30 -8.78
N LYS A 86 -7.70 -5.49 -7.93
CA LYS A 86 -8.02 -6.82 -7.41
C LYS A 86 -8.72 -7.66 -8.46
N GLN A 87 -8.97 -7.08 -9.62
CA GLN A 87 -9.51 -7.83 -10.74
C GLN A 87 -8.38 -8.58 -11.44
N PHE A 88 -7.16 -8.15 -11.14
CA PHE A 88 -5.96 -8.79 -11.67
C PHE A 88 -5.37 -9.72 -10.62
N VAL A 89 -5.44 -11.01 -10.87
CA VAL A 89 -4.91 -11.98 -9.93
C VAL A 89 -4.31 -13.18 -10.65
N GLY A 90 -2.99 -13.17 -10.75
CA GLY A 90 -2.26 -14.26 -11.32
C GLY A 90 -0.88 -14.34 -10.73
N LYS A 91 0.01 -13.48 -11.19
CA LYS A 91 1.33 -13.36 -10.58
C LYS A 91 1.65 -11.89 -10.25
N PRO A 92 0.99 -11.34 -9.21
CA PRO A 92 1.27 -9.98 -8.74
C PRO A 92 2.71 -9.86 -8.27
N ASP A 93 3.29 -8.67 -8.42
CA ASP A 93 4.68 -8.47 -8.02
C ASP A 93 4.76 -8.37 -6.51
N PRO A 94 5.73 -9.09 -5.92
CA PRO A 94 5.89 -9.16 -4.46
C PRO A 94 6.28 -7.81 -3.86
N VAL A 95 5.33 -7.18 -3.20
CA VAL A 95 5.58 -5.92 -2.53
C VAL A 95 4.71 -5.80 -1.28
N THR A 96 5.33 -5.37 -0.19
CA THR A 96 4.62 -5.10 1.04
C THR A 96 4.57 -3.61 1.30
N VAL A 97 3.38 -3.10 1.53
CA VAL A 97 3.20 -1.70 1.86
C VAL A 97 3.26 -1.55 3.37
N LYS A 98 4.23 -0.80 3.89
CA LYS A 98 4.42 -0.74 5.32
C LYS A 98 4.41 0.70 5.82
N ARG A 99 3.34 1.06 6.52
CA ARG A 99 3.25 2.39 7.12
C ARG A 99 2.30 2.34 8.31
N VAL A 100 2.44 3.28 9.22
CA VAL A 100 1.61 3.28 10.43
C VAL A 100 0.63 4.44 10.45
N ASP A 101 -0.51 4.21 11.08
CA ASP A 101 -1.54 5.25 11.23
C ASP A 101 -1.34 6.00 12.55
N LYS A 102 -2.32 6.81 12.92
CA LYS A 102 -2.22 7.62 14.14
C LYS A 102 -2.13 6.75 15.39
N ASN A 103 -2.77 5.59 15.36
CA ASN A 103 -2.75 4.68 16.51
C ASN A 103 -1.43 3.93 16.56
N GLY A 104 -0.75 3.91 15.42
CA GLY A 104 0.51 3.20 15.32
C GLY A 104 0.34 1.85 14.66
N THR A 105 -0.85 1.63 14.11
CA THR A 105 -1.16 0.39 13.46
C THR A 105 -0.61 0.36 12.03
N PRO A 106 0.18 -0.67 11.69
CA PRO A 106 0.73 -0.82 10.35
C PRO A 106 -0.33 -1.18 9.32
N VAL A 107 -0.76 -0.19 8.55
CA VAL A 107 -1.61 -0.43 7.39
C VAL A 107 -0.74 -1.00 6.28
N THR A 108 -0.93 -2.27 6.01
CA THR A 108 -0.06 -3.00 5.10
C THR A 108 -0.87 -3.69 4.02
N ALA A 109 -0.22 -3.91 2.89
CA ALA A 109 -0.77 -4.73 1.85
C ALA A 109 0.25 -5.77 1.46
N THR A 110 -0.15 -7.03 1.47
CA THR A 110 0.75 -8.11 1.15
C THR A 110 0.48 -8.65 -0.23
N TYR A 111 1.28 -8.22 -1.19
CA TYR A 111 1.11 -8.65 -2.56
C TYR A 111 2.27 -9.51 -3.01
N SER A 112 1.94 -10.61 -3.67
CA SER A 112 2.94 -11.59 -4.08
C SER A 112 2.37 -12.46 -5.20
N PRO A 113 3.25 -13.14 -5.96
CA PRO A 113 2.84 -13.98 -7.11
C PRO A 113 2.12 -15.25 -6.69
N GLU A 114 1.92 -15.40 -5.38
CA GLU A 114 1.20 -16.55 -4.85
C GLU A 114 -0.21 -16.14 -4.43
N PHE A 115 -0.56 -14.90 -4.75
CA PHE A 115 -1.86 -14.35 -4.42
C PHE A 115 -2.97 -15.17 -5.08
N THR A 116 -3.88 -15.68 -4.27
CA THR A 116 -4.96 -16.52 -4.76
C THR A 116 -6.19 -15.70 -5.15
N LYS A 117 -6.97 -16.23 -6.09
CA LYS A 117 -8.16 -15.54 -6.57
C LYS A 117 -9.40 -16.04 -5.84
N VAL A 118 -10.35 -15.15 -5.62
CA VAL A 118 -11.58 -15.51 -4.94
C VAL A 118 -12.75 -14.66 -5.46
N GLN A 41 -7.38 2.02 0.57
CA GLN A 41 -8.32 3.04 1.10
C GLN A 41 -7.56 4.11 1.86
N GLY A 42 -8.28 4.96 2.58
CA GLY A 42 -7.66 6.05 3.31
C GLY A 42 -6.69 5.58 4.37
N GLY A 43 -7.07 4.53 5.08
CA GLY A 43 -6.22 3.98 6.12
C GLY A 43 -7.01 3.10 7.06
N ASP A 44 -7.44 3.66 8.18
CA ASP A 44 -8.30 2.94 9.09
C ASP A 44 -9.56 3.76 9.34
N PRO A 45 -10.74 3.11 9.29
CA PRO A 45 -12.03 3.81 9.40
C PRO A 45 -12.06 4.85 10.51
N LEU A 46 -11.74 4.43 11.73
CA LEU A 46 -11.77 5.33 12.88
C LEU A 46 -10.38 5.83 13.26
N VAL A 47 -9.38 5.43 12.49
CA VAL A 47 -8.01 5.86 12.74
C VAL A 47 -7.37 6.36 11.45
N PRO A 48 -7.70 7.58 11.03
CA PRO A 48 -7.10 8.18 9.85
C PRO A 48 -5.59 8.29 9.99
N ILE A 49 -4.89 8.02 8.89
CA ILE A 49 -3.43 8.04 8.88
C ILE A 49 -2.89 9.42 9.23
N ASP A 50 -1.95 9.45 10.16
CA ASP A 50 -1.30 10.68 10.59
C ASP A 50 -0.34 11.17 9.50
N GLU A 51 -0.31 12.47 9.29
CA GLU A 51 0.44 13.03 8.17
C GLU A 51 1.90 13.28 8.53
N THR A 52 2.23 13.17 9.80
CA THR A 52 3.59 13.43 10.25
C THR A 52 4.32 12.15 10.67
N VAL A 53 3.72 11.00 10.37
CA VAL A 53 4.37 9.73 10.63
C VAL A 53 5.15 9.28 9.40
N GLU A 54 5.70 8.08 9.46
CA GLU A 54 6.42 7.52 8.33
C GLU A 54 5.52 6.59 7.52
N PRO A 55 5.06 7.03 6.36
CA PRO A 55 4.41 6.17 5.40
C PRO A 55 5.38 5.76 4.29
N THR A 56 5.82 4.52 4.32
CA THR A 56 6.79 4.02 3.37
C THR A 56 6.51 2.56 3.05
N PHE A 57 6.80 2.15 1.83
CA PHE A 57 6.61 0.77 1.44
C PHE A 57 7.67 -0.07 2.11
N GLU A 58 7.39 -1.36 2.34
CA GLU A 58 8.28 -2.22 3.11
C GLU A 58 9.71 -2.13 2.59
N ASP A 59 9.85 -2.15 1.27
CA ASP A 59 11.16 -2.13 0.61
C ASP A 59 11.76 -0.70 0.62
N GLY A 60 11.07 0.23 1.24
CA GLY A 60 11.55 1.60 1.32
C GLY A 60 11.15 2.43 0.11
N SER A 61 10.02 2.09 -0.50
CA SER A 61 9.59 2.76 -1.71
C SER A 61 8.50 3.80 -1.40
N LYS A 62 8.28 4.71 -2.34
CA LYS A 62 7.26 5.75 -2.20
C LYS A 62 6.16 5.59 -3.25
N GLU A 63 6.48 4.86 -4.31
CA GLU A 63 5.49 4.50 -5.33
C GLU A 63 5.95 3.24 -6.05
N LYS A 64 5.09 2.24 -6.07
CA LYS A 64 5.38 1.01 -6.76
C LYS A 64 4.38 0.80 -7.87
N THR A 65 4.88 0.74 -9.08
CA THR A 65 4.02 0.47 -10.21
C THR A 65 4.32 -0.89 -10.81
N ILE A 66 3.36 -1.78 -10.69
CA ILE A 66 3.44 -3.08 -11.30
C ILE A 66 2.43 -3.14 -12.44
N PRO A 67 2.91 -3.24 -13.69
CA PRO A 67 2.08 -3.13 -14.90
C PRO A 67 0.80 -3.97 -14.85
N GLY A 68 -0.33 -3.30 -14.72
CA GLY A 68 -1.61 -3.97 -14.74
C GLY A 68 -2.06 -4.39 -13.35
N GLN A 69 -1.16 -4.31 -12.39
CA GLN A 69 -1.42 -4.78 -11.03
C GLN A 69 -1.81 -3.61 -10.15
N GLY A 70 -1.31 -2.42 -10.48
CA GLY A 70 -1.72 -1.22 -9.79
C GLY A 70 -0.55 -0.37 -9.34
N THR A 71 -0.85 0.67 -8.59
CA THR A 71 0.17 1.54 -8.03
C THR A 71 -0.29 2.10 -6.69
N TYR A 72 0.64 2.13 -5.76
CA TYR A 72 0.39 2.72 -4.47
C TYR A 72 1.29 3.94 -4.35
N THR A 73 0.74 5.06 -3.94
CA THR A 73 1.50 6.30 -3.92
C THR A 73 1.44 6.99 -2.57
N ILE A 74 2.61 7.32 -2.05
CA ILE A 74 2.70 8.16 -0.86
C ILE A 74 3.41 9.45 -1.20
N VAL A 75 2.81 10.56 -0.83
CA VAL A 75 3.44 11.85 -0.98
C VAL A 75 3.62 12.49 0.41
N PRO A 76 4.73 13.25 0.58
CA PRO A 76 5.19 13.74 1.90
C PRO A 76 4.18 14.63 2.63
N ASP A 77 3.07 14.96 1.97
CA ASP A 77 2.03 15.76 2.62
C ASP A 77 1.35 14.93 3.70
N GLY A 78 1.47 13.61 3.58
CA GLY A 78 0.88 12.72 4.55
C GLY A 78 -0.28 11.94 3.99
N THR A 79 -0.48 12.07 2.69
CA THR A 79 -1.58 11.39 2.02
C THR A 79 -1.06 10.22 1.18
N VAL A 80 -1.60 9.05 1.47
CA VAL A 80 -1.19 7.83 0.78
C VAL A 80 -2.43 7.10 0.27
N THR A 81 -2.35 6.58 -0.94
CA THR A 81 -3.43 5.78 -1.48
C THR A 81 -2.93 4.39 -1.88
N PHE A 82 -3.43 3.39 -1.19
CA PHE A 82 -3.14 2.00 -1.54
C PHE A 82 -4.12 1.54 -2.60
N THR A 83 -3.69 1.58 -3.86
CA THR A 83 -4.57 1.23 -4.96
C THR A 83 -4.11 -0.06 -5.66
N PRO A 84 -4.58 -1.21 -5.16
CA PRO A 84 -4.28 -2.51 -5.74
C PRO A 84 -5.34 -2.95 -6.76
N ASP A 85 -4.91 -3.64 -7.79
CA ASP A 85 -5.85 -4.29 -8.71
C ASP A 85 -5.75 -5.79 -8.54
N LYS A 86 -6.73 -6.35 -7.85
CA LYS A 86 -6.72 -7.77 -7.51
C LYS A 86 -7.35 -8.60 -8.63
N GLN A 87 -7.58 -7.99 -9.77
CA GLN A 87 -8.13 -8.69 -10.92
C GLN A 87 -7.05 -8.90 -11.96
N PHE A 88 -5.81 -8.59 -11.57
CA PHE A 88 -4.66 -8.84 -12.42
C PHE A 88 -4.26 -10.31 -12.32
N VAL A 89 -4.96 -11.15 -13.06
CA VAL A 89 -4.68 -12.57 -13.04
C VAL A 89 -3.57 -12.89 -14.03
N GLY A 90 -2.37 -13.00 -13.52
CA GLY A 90 -1.22 -13.26 -14.35
C GLY A 90 0.07 -13.12 -13.57
N LYS A 91 0.12 -13.76 -12.40
CA LYS A 91 1.27 -13.70 -11.51
C LYS A 91 1.57 -12.26 -11.08
N PRO A 92 0.75 -11.69 -10.19
CA PRO A 92 0.99 -10.35 -9.64
C PRO A 92 2.31 -10.30 -8.90
N ASP A 93 3.10 -9.28 -9.20
CA ASP A 93 4.42 -9.12 -8.60
C ASP A 93 4.29 -8.80 -7.10
N PRO A 94 5.04 -9.52 -6.26
CA PRO A 94 4.98 -9.36 -4.80
C PRO A 94 5.64 -8.07 -4.31
N VAL A 95 4.91 -7.36 -3.44
CA VAL A 95 5.43 -6.17 -2.78
C VAL A 95 4.59 -5.86 -1.54
N THR A 96 5.22 -5.38 -0.49
CA THR A 96 4.50 -4.99 0.71
C THR A 96 4.50 -3.47 0.88
N VAL A 97 3.30 -2.93 1.01
CA VAL A 97 3.12 -1.49 1.17
C VAL A 97 2.84 -1.19 2.64
N LYS A 98 3.41 -0.12 3.19
CA LYS A 98 3.30 0.13 4.63
C LYS A 98 3.09 1.61 4.95
N ARG A 99 2.44 1.88 6.09
CA ARG A 99 2.34 3.20 6.68
C ARG A 99 1.64 3.08 8.03
N VAL A 100 2.06 3.85 9.02
CA VAL A 100 1.46 3.75 10.34
C VAL A 100 0.41 4.84 10.56
N ASP A 101 -0.58 4.51 11.39
CA ASP A 101 -1.66 5.45 11.70
C ASP A 101 -1.32 6.28 12.95
N LYS A 102 -2.32 6.99 13.46
CA LYS A 102 -2.13 7.84 14.64
C LYS A 102 -1.68 7.02 15.85
N ASN A 103 -2.21 5.82 15.99
CA ASN A 103 -1.90 4.96 17.12
C ASN A 103 -0.54 4.30 16.91
N GLY A 104 -0.22 4.08 15.64
CA GLY A 104 1.05 3.49 15.29
C GLY A 104 0.89 2.14 14.64
N THR A 105 -0.32 1.85 14.15
CA THR A 105 -0.57 0.59 13.48
C THR A 105 -0.25 0.70 12.00
N PRO A 106 0.70 -0.09 11.50
CA PRO A 106 1.05 -0.10 10.09
C PRO A 106 -0.03 -0.76 9.24
N VAL A 107 -0.80 0.06 8.54
CA VAL A 107 -1.73 -0.46 7.54
C VAL A 107 -0.93 -0.86 6.31
N THR A 108 -0.91 -2.15 6.05
CA THR A 108 -0.06 -2.69 5.02
C THR A 108 -0.87 -3.42 3.97
N ALA A 109 -0.26 -3.60 2.82
CA ALA A 109 -0.79 -4.49 1.81
C ALA A 109 0.31 -5.43 1.40
N THR A 110 0.04 -6.72 1.44
CA THR A 110 1.08 -7.70 1.23
C THR A 110 0.79 -8.51 -0.03
N TYR A 111 1.46 -8.16 -1.10
CA TYR A 111 1.34 -8.90 -2.34
C TYR A 111 2.36 -10.02 -2.39
N SER A 112 1.89 -11.20 -2.74
CA SER A 112 2.74 -12.38 -2.81
C SER A 112 2.63 -12.98 -4.21
N PRO A 113 3.55 -13.91 -4.56
CA PRO A 113 3.50 -14.61 -5.86
C PRO A 113 2.14 -15.27 -6.11
N GLU A 114 1.44 -14.79 -7.14
CA GLU A 114 0.12 -15.30 -7.52
C GLU A 114 -0.92 -15.03 -6.44
N PHE A 115 -0.74 -13.95 -5.70
CA PHE A 115 -1.68 -13.58 -4.65
C PHE A 115 -2.81 -12.74 -5.21
N THR A 116 -4.03 -13.09 -4.81
CA THR A 116 -5.27 -12.42 -5.24
C THR A 116 -5.43 -12.37 -6.75
N LYS A 117 -6.32 -13.22 -7.23
CA LYS A 117 -6.58 -13.34 -8.65
C LYS A 117 -8.09 -13.39 -8.88
N VAL A 118 -8.64 -12.25 -9.32
CA VAL A 118 -10.06 -12.05 -9.57
C VAL A 118 -10.94 -12.62 -8.43
N GLN A 41 -6.49 -3.85 6.60
CA GLN A 41 -5.40 -3.31 5.77
C GLN A 41 -5.94 -2.20 4.87
N GLY A 42 -5.05 -1.39 4.32
CA GLY A 42 -5.48 -0.29 3.47
C GLY A 42 -5.46 1.04 4.21
N GLY A 43 -6.54 1.31 4.92
CA GLY A 43 -6.63 2.55 5.68
C GLY A 43 -7.85 2.56 6.57
N ASP A 44 -7.62 2.54 7.87
CA ASP A 44 -8.71 2.57 8.86
C ASP A 44 -9.44 3.91 8.82
N PRO A 45 -10.73 3.89 8.48
CA PRO A 45 -11.55 5.09 8.49
C PRO A 45 -11.88 5.54 9.91
N LEU A 46 -11.65 4.64 10.86
CA LEU A 46 -11.87 4.94 12.27
C LEU A 46 -10.75 5.83 12.78
N VAL A 47 -9.52 5.54 12.36
CA VAL A 47 -8.36 6.31 12.79
C VAL A 47 -7.59 6.79 11.58
N PRO A 48 -7.81 8.05 11.17
CA PRO A 48 -7.12 8.61 9.99
C PRO A 48 -5.61 8.60 10.17
N ILE A 49 -4.92 8.12 9.14
CA ILE A 49 -3.46 8.00 9.16
C ILE A 49 -2.82 9.35 9.46
N ASP A 50 -1.92 9.37 10.43
CA ASP A 50 -1.27 10.60 10.85
C ASP A 50 -0.22 11.02 9.82
N GLU A 51 -0.15 12.30 9.53
CA GLU A 51 0.68 12.80 8.45
C GLU A 51 2.10 13.12 8.90
N THR A 52 2.36 13.01 10.20
CA THR A 52 3.71 13.28 10.71
C THR A 52 4.49 11.98 10.93
N VAL A 53 3.79 10.85 10.91
CA VAL A 53 4.44 9.56 11.10
C VAL A 53 5.10 9.11 9.81
N GLU A 54 5.64 7.90 9.79
CA GLU A 54 6.30 7.39 8.59
C GLU A 54 5.36 6.54 7.75
N PRO A 55 4.96 7.06 6.58
CA PRO A 55 4.33 6.29 5.54
C PRO A 55 5.34 5.94 4.44
N THR A 56 5.50 4.67 4.15
CA THR A 56 6.45 4.21 3.14
C THR A 56 6.01 2.86 2.56
N PHE A 57 6.80 2.34 1.65
CA PHE A 57 6.68 0.94 1.28
C PHE A 57 7.81 0.20 1.97
N GLU A 58 7.67 -1.09 2.22
CA GLU A 58 8.64 -1.81 3.05
C GLU A 58 10.07 -1.65 2.51
N ASP A 59 10.20 -1.61 1.18
CA ASP A 59 11.50 -1.45 0.53
C ASP A 59 12.00 -0.01 0.56
N GLY A 60 11.25 0.86 1.23
CA GLY A 60 11.61 2.26 1.28
C GLY A 60 11.17 2.99 0.03
N SER A 61 10.15 2.47 -0.63
CA SER A 61 9.68 3.03 -1.89
C SER A 61 8.53 4.01 -1.65
N LYS A 62 8.34 4.93 -2.59
CA LYS A 62 7.27 5.92 -2.49
C LYS A 62 6.32 5.83 -3.68
N GLU A 63 6.54 4.82 -4.51
CA GLU A 63 5.61 4.46 -5.58
C GLU A 63 5.97 3.09 -6.10
N LYS A 64 4.98 2.29 -6.40
CA LYS A 64 5.20 1.00 -7.02
C LYS A 64 4.16 0.76 -8.10
N THR A 65 4.56 0.90 -9.34
CA THR A 65 3.70 0.57 -10.44
C THR A 65 4.07 -0.77 -11.02
N ILE A 66 3.15 -1.71 -10.94
CA ILE A 66 3.33 -3.01 -11.54
C ILE A 66 2.28 -3.20 -12.61
N PRO A 67 2.72 -3.41 -13.87
CA PRO A 67 1.83 -3.48 -15.04
C PRO A 67 0.61 -4.38 -14.83
N GLY A 68 -0.56 -3.75 -14.74
CA GLY A 68 -1.79 -4.48 -14.60
C GLY A 68 -2.20 -4.68 -13.15
N GLN A 69 -1.27 -4.41 -12.25
CA GLN A 69 -1.51 -4.61 -10.82
C GLN A 69 -1.83 -3.29 -10.15
N GLY A 70 -1.35 -2.20 -10.73
CA GLY A 70 -1.69 -0.89 -10.26
C GLY A 70 -0.52 -0.15 -9.64
N THR A 71 -0.83 0.90 -8.90
CA THR A 71 0.19 1.69 -8.23
C THR A 71 -0.24 2.03 -6.81
N TYR A 72 0.73 2.08 -5.93
CA TYR A 72 0.52 2.65 -4.62
C TYR A 72 1.27 3.99 -4.61
N THR A 73 0.53 5.08 -4.54
CA THR A 73 1.15 6.39 -4.66
C THR A 73 1.23 7.09 -3.32
N ILE A 74 2.39 7.68 -3.04
CA ILE A 74 2.62 8.38 -1.79
C ILE A 74 3.63 9.50 -1.95
N VAL A 75 3.29 10.68 -1.47
CA VAL A 75 4.21 11.81 -1.47
C VAL A 75 4.53 12.21 -0.04
N PRO A 76 5.68 12.89 0.17
CA PRO A 76 6.21 13.21 1.51
C PRO A 76 5.31 14.13 2.33
N ASP A 77 4.18 14.53 1.77
CA ASP A 77 3.21 15.34 2.49
C ASP A 77 2.40 14.47 3.43
N GLY A 78 2.35 13.18 3.12
CA GLY A 78 1.57 12.26 3.92
C GLY A 78 0.37 11.72 3.17
N THR A 79 0.39 11.85 1.85
CA THR A 79 -0.69 11.34 1.03
C THR A 79 -0.38 9.91 0.61
N VAL A 80 -1.20 8.96 1.05
CA VAL A 80 -0.98 7.57 0.68
C VAL A 80 -2.30 6.92 0.29
N THR A 81 -2.30 6.22 -0.82
CA THR A 81 -3.47 5.49 -1.24
C THR A 81 -3.07 4.11 -1.77
N PHE A 82 -3.66 3.08 -1.16
CA PHE A 82 -3.38 1.71 -1.57
C PHE A 82 -4.31 1.33 -2.72
N THR A 83 -3.85 1.41 -3.96
CA THR A 83 -4.72 1.06 -5.07
C THR A 83 -4.13 -0.08 -5.90
N PRO A 84 -4.37 -1.33 -5.47
CA PRO A 84 -4.07 -2.51 -6.25
C PRO A 84 -5.27 -2.97 -7.08
N ASP A 85 -4.99 -3.54 -8.25
CA ASP A 85 -6.03 -4.19 -9.03
C ASP A 85 -6.31 -5.56 -8.46
N LYS A 86 -7.20 -5.60 -7.48
CA LYS A 86 -7.50 -6.82 -6.75
C LYS A 86 -8.11 -7.86 -7.67
N GLN A 87 -8.71 -7.39 -8.75
CA GLN A 87 -9.39 -8.26 -9.69
C GLN A 87 -8.48 -8.62 -10.86
N PHE A 88 -7.20 -8.33 -10.71
CA PHE A 88 -6.20 -8.68 -11.71
C PHE A 88 -5.75 -10.12 -11.52
N VAL A 89 -6.23 -11.01 -12.39
CA VAL A 89 -5.78 -12.39 -12.36
C VAL A 89 -4.58 -12.54 -13.29
N GLY A 90 -3.40 -12.52 -12.70
CA GLY A 90 -2.17 -12.67 -13.43
C GLY A 90 -1.03 -13.03 -12.52
N LYS A 91 0.19 -12.67 -12.89
CA LYS A 91 1.34 -12.93 -12.03
C LYS A 91 1.87 -11.61 -11.46
N PRO A 92 1.43 -11.26 -10.25
CA PRO A 92 1.82 -10.01 -9.59
C PRO A 92 3.22 -10.06 -9.01
N ASP A 93 3.79 -8.89 -8.76
CA ASP A 93 5.14 -8.80 -8.20
C ASP A 93 5.07 -8.49 -6.71
N PRO A 94 5.97 -9.12 -5.92
CA PRO A 94 5.98 -8.98 -4.47
C PRO A 94 6.41 -7.59 -3.99
N VAL A 95 5.52 -6.96 -3.23
CA VAL A 95 5.80 -5.67 -2.62
C VAL A 95 4.88 -5.46 -1.42
N THR A 96 5.40 -4.82 -0.38
CA THR A 96 4.63 -4.57 0.83
C THR A 96 4.54 -3.08 1.11
N VAL A 97 3.33 -2.60 1.37
CA VAL A 97 3.11 -1.21 1.70
C VAL A 97 3.13 -1.06 3.23
N LYS A 98 3.65 0.07 3.74
CA LYS A 98 3.85 0.22 5.17
C LYS A 98 3.57 1.67 5.64
N ARG A 99 2.47 1.89 6.33
CA ARG A 99 2.23 3.18 6.96
C ARG A 99 1.45 2.98 8.26
N VAL A 100 1.83 3.73 9.28
CA VAL A 100 1.16 3.62 10.57
C VAL A 100 0.21 4.79 10.79
N ASP A 101 -0.80 4.56 11.61
CA ASP A 101 -1.78 5.61 11.95
C ASP A 101 -1.39 6.27 13.27
N LYS A 102 -2.31 7.05 13.81
CA LYS A 102 -2.10 7.75 15.08
C LYS A 102 -1.67 6.79 16.20
N ASN A 103 -2.33 5.64 16.31
CA ASN A 103 -2.04 4.71 17.40
C ASN A 103 -0.86 3.81 17.06
N GLY A 104 -0.51 3.76 15.78
CA GLY A 104 0.64 2.97 15.38
C GLY A 104 0.26 1.68 14.71
N THR A 105 -1.00 1.57 14.29
CA THR A 105 -1.45 0.41 13.54
C THR A 105 -0.96 0.51 12.09
N PRO A 106 -0.08 -0.40 11.66
CA PRO A 106 0.45 -0.41 10.31
C PRO A 106 -0.54 -0.97 9.30
N VAL A 107 -1.21 -0.08 8.58
CA VAL A 107 -2.01 -0.49 7.44
C VAL A 107 -1.08 -0.84 6.30
N THR A 108 -1.00 -2.12 6.01
CA THR A 108 -0.07 -2.62 5.03
C THR A 108 -0.82 -3.30 3.90
N ALA A 109 -0.09 -3.90 3.00
CA ALA A 109 -0.66 -4.76 1.99
C ALA A 109 0.34 -5.83 1.63
N THR A 110 -0.08 -7.08 1.69
CA THR A 110 0.79 -8.19 1.38
C THR A 110 0.51 -8.67 -0.02
N TYR A 111 1.32 -8.22 -0.97
CA TYR A 111 1.12 -8.57 -2.36
C TYR A 111 2.29 -9.34 -2.92
N SER A 112 1.98 -10.52 -3.44
CA SER A 112 2.97 -11.40 -4.04
C SER A 112 2.27 -12.35 -4.99
N PRO A 113 3.00 -13.16 -5.78
CA PRO A 113 2.41 -14.19 -6.63
C PRO A 113 1.38 -15.05 -5.87
N GLU A 114 0.30 -15.38 -6.56
CA GLU A 114 -0.78 -16.21 -6.00
C GLU A 114 -1.52 -15.51 -4.86
N PHE A 115 -1.47 -14.18 -4.83
CA PHE A 115 -2.26 -13.44 -3.86
C PHE A 115 -3.42 -12.73 -4.55
N THR A 116 -3.11 -12.01 -5.62
CA THR A 116 -4.09 -11.18 -6.31
C THR A 116 -5.24 -12.01 -6.90
N LYS A 117 -4.94 -13.20 -7.39
CA LYS A 117 -5.99 -14.05 -7.96
C LYS A 117 -6.54 -14.98 -6.89
N VAL A 118 -7.58 -15.71 -7.24
CA VAL A 118 -8.25 -16.60 -6.31
C VAL A 118 -7.86 -18.06 -6.57
#